data_8GLS
#
_entry.id   8GLS
#
_cell.length_a   1.00
_cell.length_b   1.00
_cell.length_c   1.00
_cell.angle_alpha   90.00
_cell.angle_beta   90.00
_cell.angle_gamma   90.00
#
_symmetry.space_group_name_H-M   'P 1'
#
loop_
_entity.id
_entity.type
_entity.pdbx_description
1 polymer 'Cystic fibrosis transmembrane conductance regulator'
2 polymer 'human cystic fibrosis transmembrane conductance regulator'
3 non-polymer 'MAGNESIUM ION'
4 non-polymer "ADENOSINE-5'-TRIPHOSPHATE"
5 non-polymer '(2S)-3-(hexadecanoyloxy)-2-[(9Z)-octadec-9-enoyloxy]propyl 2-(trimethylammonio)ethyl phosphate'
6 non-polymer (2S)-1-(3-amino-6-fluoro-1H-indazol-1-yl)-2-methyl-3-phenoxypropan-1-one
#
loop_
_entity_poly.entity_id
_entity_poly.type
_entity_poly.pdbx_seq_one_letter_code
_entity_poly.pdbx_strand_id
1 'polypeptide(L)'
;MQRSPLEKASVVSKLFFSWTRPILRKGYRQRLELSDIYQIPSVDSADNLSEKLEREWDRELASKKNPKLINALRRCFFWR
FMFYGIFLYLGEVTKAVQPLLLGRIIASYDPDNKEERSIAIYLGIGLCLLFIVRTLLLHPAIFGLHHIGMQMRIAMFSLI
YKKTLKLSSRVLDKISIGQLVSLLSNNLNKFDEGLALAHFVWIAPLQVALLMGLIWELLQASAFCGLGFLIVLALFQAGL
GRMMMKYRDQRAGKISERLVITSEMIENIQSVKAYCWEEAMEKMIENLRQTELKLTRKAAYVRYFNSSAFFFSGFFVVFL
SVLPYALIKGIILRKIFTTISFCIVLRMAVTRQFPWAVQTWYDSLGAINKIQDFLQKQEYKTLEYNLTTTEVVMENVTAF
WEEGFGELFEKAKQNNNNRKTSNGDDSLFFSNFSLLGTPVLKDINFKIERGQLLAVAGSTGAGKTSLLMVIMGELEPSEG
KIKHSGRISFCSQFSWIMPGTIKENIIFGVSYDEYRYRSVIKACQLEEDISKFAEKDNIVLGEGGITLSGGQRARISLAR
AVYKDADLYLLDSPFGYLDVLTEKEIFESCVCKLMANKTRILVTSKMEHLKKADKILILHEGSSYFYGTFSELQNLQPDF
SSKLMGCDSFDQFSAERRNSILTETLHRFSLEGDAPVSWTETKKQSFKQTGEFGEKRKNSILNPINSIRKFSIVQKTPLQ
MNGIEEDSDEPLERRLSLVPDSEQGEAILPRISVISTGPTLQARRRQSVLNLMTHSVNQGQNIHRKTTASTRKVSLAPQA
NLTELDIYSRRLSQETGLEISEEINEEDLKECFFDDMESIPAVTTWNTYLRYITVHKSLIFVLIWCLVIFLAEVAASLVV
LWLLGNTPLQDKGNSTHSRNNSYAVIITSTSSYYVFYIYVGVADTLLAMGFFRGLPLVHTLITVSKILHHKMLHSVLQAP
MSTLNTLKAGGILNRFSKDIAILDDLLPLTIFDFIQLLLIVIGAIAVVAVLQPYIFVATVPVIVAFIMLRAYFLQTSQQL
KQLESEGRSPIFTHLVTSLKGLWTLRAFGRQPYFETLFHKALNLHTANWFLYLSTLRWFQMRIEMIFVIFFIAVTFISIL
TTGEGEGRVGIILTLAMNIMSTLQWAVNSSIDVDSLMRSVSRVFKFIDMPTEGKPTKSTKPYKNGQLSKVMIIENSHVKK
DDIWPSGGQMTVKDLTAKYTEGGNAILENISFSISPGQRVGLLGRTGSGKSTLLSAFLRLLNTEGEIQIDGVSWDSITLQ
QWRKAFGVIPQKVFIFSGTFRKNLDPYEQWSDQEIWKVADEVGLRSVIEQFPGKLDFVLVDGGCVLSHGHKQLMCLARSV
LSKAKILLLDQPSAHLDPVTYQIIRRTLKQAFADCTVILCEHRIEAMLECQQFLVIEENKVRQYDSIQKLLNERSLFRQA
ISPSDRVKLFPHRNSSKCKSKPQIAALKEETEEEVQDTRL
;
A
2 'polypeptide(L)'
;(UNK)(UNK)(UNK)(UNK)(UNK)(UNK)(UNK)(UNK)(UNK)(UNK)(UNK)(UNK)(UNK)(UNK)(UNK)(UNK)
(UNK)
;
B
#
loop_
_chem_comp.id
_chem_comp.type
_chem_comp.name
_chem_comp.formula
ATP non-polymer ADENOSINE-5'-TRIPHOSPHATE 'C10 H16 N5 O13 P3'
MG non-polymer 'MAGNESIUM ION' 'Mg 2'
POV non-polymer '(2S)-3-(hexadecanoyloxy)-2-[(9Z)-octadec-9-enoyloxy]propyl 2-(trimethylammonio)ethyl phosphate' 'C42 H82 N O8 P'
ZRH non-polymer (2S)-1-(3-amino-6-fluoro-1H-indazol-1-yl)-2-methyl-3-phenoxypropan-1-one 'C17 H16 F N3 O2'
#
# COMPACT_ATOMS: atom_id res chain seq x y z
N MET A 1 -16.74 -10.89 -20.64
CA MET A 1 -16.17 -11.65 -19.54
C MET A 1 -16.75 -13.06 -19.47
N GLN A 2 -15.94 -14.04 -19.83
CA GLN A 2 -16.39 -15.43 -19.82
C GLN A 2 -16.52 -15.94 -18.39
N ARG A 3 -17.51 -16.79 -18.17
CA ARG A 3 -17.82 -17.28 -16.84
C ARG A 3 -16.89 -18.44 -16.50
N SER A 4 -16.38 -18.43 -15.27
CA SER A 4 -15.37 -19.41 -14.87
C SER A 4 -15.93 -20.82 -14.95
N PRO A 5 -15.28 -21.74 -15.68
CA PRO A 5 -15.76 -23.11 -15.76
C PRO A 5 -15.68 -23.89 -14.45
N LEU A 6 -15.29 -23.27 -13.34
CA LEU A 6 -15.32 -23.99 -12.07
C LEU A 6 -16.74 -24.40 -11.72
N GLU A 7 -17.72 -23.52 -11.99
CA GLU A 7 -19.12 -23.88 -11.77
C GLU A 7 -19.54 -25.02 -12.70
N LYS A 8 -19.08 -24.99 -13.94
CA LYS A 8 -19.43 -26.01 -14.93
C LYS A 8 -18.20 -26.90 -15.15
N ALA A 9 -18.03 -27.88 -14.27
CA ALA A 9 -16.89 -28.78 -14.34
C ALA A 9 -17.27 -30.10 -13.69
N SER A 10 -16.74 -31.20 -14.22
CA SER A 10 -16.97 -32.51 -13.65
C SER A 10 -16.14 -32.68 -12.37
N VAL A 11 -16.50 -33.69 -11.59
CA VAL A 11 -15.80 -33.93 -10.33
C VAL A 11 -14.33 -34.27 -10.57
N VAL A 12 -14.05 -35.01 -11.65
CA VAL A 12 -12.66 -35.32 -11.99
C VAL A 12 -11.88 -34.05 -12.27
N SER A 13 -12.50 -33.06 -12.92
CA SER A 13 -11.82 -31.81 -13.19
C SER A 13 -11.49 -31.07 -11.88
N LYS A 14 -12.44 -31.07 -10.94
CA LYS A 14 -12.19 -30.39 -9.67
C LYS A 14 -11.15 -31.09 -8.82
N LEU A 15 -11.09 -32.43 -8.87
CA LEU A 15 -10.10 -33.16 -8.09
C LEU A 15 -8.76 -33.28 -8.79
N PHE A 16 -8.63 -32.75 -10.01
CA PHE A 16 -7.40 -32.84 -10.79
C PHE A 16 -6.97 -31.51 -11.36
N PHE A 17 -7.80 -30.47 -11.24
CA PHE A 17 -7.47 -29.12 -11.71
C PHE A 17 -7.17 -29.10 -13.20
N SER A 18 -7.88 -29.94 -13.94
CA SER A 18 -7.70 -30.00 -15.39
C SER A 18 -8.31 -28.81 -16.11
N TRP A 19 -9.13 -28.00 -15.44
CA TRP A 19 -9.77 -26.89 -16.12
C TRP A 19 -8.90 -25.63 -16.16
N THR A 20 -7.80 -25.60 -15.41
CA THR A 20 -6.85 -24.51 -15.51
C THR A 20 -6.01 -24.58 -16.77
N ARG A 21 -5.99 -25.73 -17.44
CA ARG A 21 -5.10 -25.93 -18.58
C ARG A 21 -5.22 -24.87 -19.67
N PRO A 22 -6.42 -24.40 -20.06
CA PRO A 22 -6.47 -23.39 -21.13
C PRO A 22 -5.66 -22.15 -20.84
N ILE A 23 -5.60 -21.71 -19.58
CA ILE A 23 -4.81 -20.51 -19.27
C ILE A 23 -3.35 -20.72 -19.59
N LEU A 24 -2.77 -21.84 -19.17
CA LEU A 24 -1.35 -22.08 -19.46
C LEU A 24 -1.14 -22.30 -20.96
N ARG A 25 -2.08 -22.97 -21.62
CA ARG A 25 -1.97 -23.13 -23.07
C ARG A 25 -1.93 -21.78 -23.78
N LYS A 26 -2.78 -20.84 -23.34
CA LYS A 26 -2.81 -19.51 -23.94
C LYS A 26 -1.57 -18.71 -23.55
N GLY A 27 -1.01 -18.98 -22.37
CA GLY A 27 0.03 -18.12 -21.84
C GLY A 27 1.45 -18.51 -22.20
N TYR A 28 1.72 -19.81 -22.34
CA TYR A 28 3.09 -20.24 -22.57
C TYR A 28 3.62 -19.70 -23.90
N ARG A 29 2.79 -19.72 -24.94
CA ARG A 29 3.25 -19.26 -26.25
C ARG A 29 3.23 -17.74 -26.35
N GLN A 30 2.05 -17.14 -26.19
CA GLN A 30 1.88 -15.70 -26.32
C GLN A 30 1.59 -15.08 -24.97
N ARG A 31 1.81 -13.76 -24.88
CA ARG A 31 1.52 -13.04 -23.65
C ARG A 31 0.02 -13.06 -23.36
N LEU A 32 -0.31 -13.14 -22.08
CA LEU A 32 -1.71 -13.08 -21.65
C LEU A 32 -2.31 -11.75 -22.07
N GLU A 33 -3.51 -11.81 -22.65
CA GLU A 33 -4.29 -10.60 -22.90
C GLU A 33 -5.46 -10.57 -21.92
N LEU A 34 -6.08 -9.40 -21.78
CA LEU A 34 -6.94 -9.16 -20.63
C LEU A 34 -8.38 -9.60 -20.84
N SER A 35 -8.64 -10.59 -21.69
CA SER A 35 -9.96 -11.21 -21.68
C SER A 35 -9.88 -12.65 -21.20
N ASP A 36 -8.70 -13.28 -21.26
CA ASP A 36 -8.58 -14.67 -20.85
C ASP A 36 -8.90 -14.88 -19.38
N ILE A 37 -8.70 -13.86 -18.56
CA ILE A 37 -8.98 -13.98 -17.13
C ILE A 37 -10.46 -14.21 -16.92
N TYR A 38 -10.79 -15.33 -16.30
CA TYR A 38 -12.18 -15.70 -16.06
C TYR A 38 -12.84 -14.75 -15.07
N GLN A 39 -14.15 -14.59 -15.24
CA GLN A 39 -14.95 -13.93 -14.21
C GLN A 39 -14.92 -14.78 -12.94
N ILE A 40 -15.02 -14.12 -11.79
CA ILE A 40 -14.98 -14.80 -10.50
C ILE A 40 -16.15 -15.79 -10.38
N PRO A 41 -15.98 -16.88 -9.64
CA PRO A 41 -17.14 -17.71 -9.30
C PRO A 41 -18.17 -16.89 -8.54
N SER A 42 -19.44 -17.23 -8.76
CA SER A 42 -20.51 -16.45 -8.16
C SER A 42 -20.49 -16.47 -6.63
N VAL A 43 -19.77 -17.42 -6.02
CA VAL A 43 -19.80 -17.53 -4.57
C VAL A 43 -19.04 -16.38 -3.91
N ASP A 44 -17.90 -15.96 -4.48
CA ASP A 44 -16.99 -15.05 -3.79
C ASP A 44 -17.15 -13.60 -4.26
N SER A 45 -18.31 -13.26 -4.80
CA SER A 45 -18.64 -11.86 -5.00
C SER A 45 -18.70 -11.15 -3.64
N ALA A 46 -18.14 -9.93 -3.59
CA ALA A 46 -17.99 -9.25 -2.31
C ALA A 46 -19.33 -9.07 -1.61
N ASP A 47 -20.41 -8.91 -2.36
CA ASP A 47 -21.71 -8.63 -1.75
C ASP A 47 -22.17 -9.78 -0.87
N ASN A 48 -22.08 -11.02 -1.37
CA ASN A 48 -22.60 -12.17 -0.64
C ASN A 48 -21.84 -12.38 0.66
N LEU A 49 -20.51 -12.41 0.58
CA LEU A 49 -19.69 -12.60 1.76
C LEU A 49 -19.88 -11.45 2.75
N SER A 50 -19.91 -10.22 2.25
CA SER A 50 -20.09 -9.08 3.14
C SER A 50 -21.42 -9.16 3.87
N GLU A 51 -22.50 -9.47 3.16
CA GLU A 51 -23.81 -9.53 3.79
C GLU A 51 -23.87 -10.65 4.81
N LYS A 52 -23.34 -11.84 4.46
CA LYS A 52 -23.33 -12.96 5.39
C LYS A 52 -22.60 -12.59 6.67
N LEU A 53 -21.37 -12.09 6.52
CA LEU A 53 -20.57 -11.79 7.70
C LEU A 53 -21.18 -10.66 8.51
N GLU A 54 -21.73 -9.64 7.87
CA GLU A 54 -22.26 -8.52 8.63
C GLU A 54 -23.53 -8.91 9.36
N ARG A 55 -24.36 -9.77 8.75
CA ARG A 55 -25.54 -10.25 9.45
C ARG A 55 -25.16 -11.06 10.67
N GLU A 56 -24.21 -11.99 10.52
CA GLU A 56 -23.77 -12.76 11.69
C GLU A 56 -23.16 -11.85 12.74
N TRP A 57 -22.34 -10.88 12.31
CA TRP A 57 -21.67 -9.98 13.23
C TRP A 57 -22.65 -9.13 14.01
N ASP A 58 -23.65 -8.55 13.33
CA ASP A 58 -24.53 -7.65 14.07
C ASP A 58 -25.51 -8.44 14.94
N ARG A 59 -25.89 -9.66 14.53
CA ARG A 59 -26.69 -10.48 15.43
C ARG A 59 -25.88 -10.84 16.67
N GLU A 60 -24.61 -11.19 16.49
CA GLU A 60 -23.75 -11.49 17.62
C GLU A 60 -23.56 -10.26 18.50
N LEU A 61 -23.48 -9.08 17.89
CA LEU A 61 -23.42 -7.84 18.64
C LEU A 61 -24.67 -7.65 19.50
N ALA A 62 -25.84 -7.88 18.90
CA ALA A 62 -27.09 -7.71 19.63
C ALA A 62 -27.21 -8.70 20.78
N SER A 63 -26.77 -9.94 20.57
CA SER A 63 -27.02 -10.98 21.55
C SER A 63 -26.11 -10.87 22.76
N LYS A 64 -24.80 -11.00 22.56
CA LYS A 64 -23.88 -11.09 23.67
C LYS A 64 -23.67 -9.74 24.34
N LYS A 65 -23.15 -9.77 25.57
CA LYS A 65 -22.85 -8.56 26.31
C LYS A 65 -21.52 -7.97 25.88
N ASN A 66 -20.50 -8.81 25.76
CA ASN A 66 -19.18 -8.39 25.28
C ASN A 66 -18.90 -9.03 23.93
N PRO A 67 -19.44 -8.45 22.86
CA PRO A 67 -19.39 -9.11 21.55
C PRO A 67 -17.96 -9.34 21.07
N LYS A 68 -17.75 -10.51 20.46
CA LYS A 68 -16.48 -10.89 19.87
C LYS A 68 -16.68 -11.25 18.41
N LEU A 69 -15.85 -10.69 17.54
CA LEU A 69 -15.93 -10.97 16.12
C LEU A 69 -15.61 -12.44 15.82
N ILE A 70 -14.61 -12.99 16.51
CA ILE A 70 -14.11 -14.33 16.20
C ILE A 70 -15.22 -15.36 16.37
N ASN A 71 -16.16 -15.11 17.29
CA ASN A 71 -17.28 -16.04 17.42
C ASN A 71 -18.14 -16.07 16.17
N ALA A 72 -18.41 -14.90 15.59
CA ALA A 72 -19.16 -14.85 14.33
C ALA A 72 -18.37 -15.49 13.20
N LEU A 73 -17.06 -15.27 13.15
CA LEU A 73 -16.26 -15.91 12.11
C LEU A 73 -16.30 -17.42 12.23
N ARG A 74 -16.20 -17.94 13.45
CA ARG A 74 -16.35 -19.37 13.68
C ARG A 74 -17.71 -19.84 13.19
N ARG A 75 -18.77 -19.18 13.62
CA ARG A 75 -20.11 -19.54 13.22
C ARG A 75 -20.29 -19.53 11.71
N CYS A 76 -19.50 -18.73 11.01
CA CYS A 76 -19.55 -18.69 9.55
C CYS A 76 -18.77 -19.82 8.87
N PHE A 77 -17.54 -20.12 9.31
CA PHE A 77 -16.66 -20.97 8.51
C PHE A 77 -16.17 -22.24 9.20
N PHE A 78 -16.62 -22.54 10.43
CA PHE A 78 -16.04 -23.65 11.17
C PHE A 78 -16.34 -24.99 10.50
N TRP A 79 -17.53 -25.14 9.92
CA TRP A 79 -17.91 -26.44 9.38
C TRP A 79 -17.08 -26.79 8.16
N ARG A 80 -16.96 -25.87 7.21
CA ARG A 80 -16.07 -26.09 6.08
C ARG A 80 -14.61 -26.00 6.45
N PHE A 81 -14.29 -25.57 7.67
CA PHE A 81 -12.92 -25.69 8.14
C PHE A 81 -12.62 -27.12 8.59
N MET A 82 -13.52 -27.70 9.39
CA MET A 82 -13.30 -29.05 9.91
C MET A 82 -13.48 -30.13 8.83
N PHE A 83 -14.41 -29.92 7.91
CA PHE A 83 -14.58 -30.86 6.81
C PHE A 83 -13.29 -31.01 6.02
N TYR A 84 -12.46 -29.98 6.02
CA TYR A 84 -11.16 -30.02 5.38
C TYR A 84 -10.08 -30.50 6.33
N GLY A 85 -10.28 -30.24 7.63
CA GLY A 85 -9.33 -30.71 8.63
C GLY A 85 -9.22 -32.22 8.67
N ILE A 86 -10.36 -32.91 8.55
CA ILE A 86 -10.31 -34.38 8.58
C ILE A 86 -9.50 -34.91 7.40
N PHE A 87 -9.70 -34.33 6.22
CA PHE A 87 -8.95 -34.79 5.05
C PHE A 87 -7.47 -34.50 5.20
N LEU A 88 -7.11 -33.32 5.71
CA LEU A 88 -5.70 -33.02 5.91
C LEU A 88 -5.09 -33.96 6.96
N TYR A 89 -5.87 -34.31 7.98
CA TYR A 89 -5.38 -35.25 8.99
C TYR A 89 -5.07 -36.60 8.37
N LEU A 90 -5.97 -37.11 7.54
CA LEU A 90 -5.70 -38.38 6.87
C LEU A 90 -4.50 -38.27 5.95
N GLY A 91 -4.40 -37.17 5.19
CA GLY A 91 -3.32 -37.00 4.25
C GLY A 91 -1.98 -36.69 4.88
N GLU A 92 -1.94 -36.43 6.17
CA GLU A 92 -0.67 -36.36 6.87
C GLU A 92 -0.36 -37.60 7.69
N VAL A 93 -1.38 -38.33 8.14
CA VAL A 93 -1.14 -39.66 8.70
C VAL A 93 -0.55 -40.56 7.65
N THR A 94 -0.97 -40.42 6.39
CA THR A 94 -0.45 -41.28 5.33
C THR A 94 1.05 -41.08 5.12
N LYS A 95 1.67 -40.18 5.87
CA LYS A 95 3.12 -40.08 5.84
C LYS A 95 3.79 -40.78 7.01
N ALA A 96 3.04 -41.12 8.05
CA ALA A 96 3.63 -41.82 9.18
C ALA A 96 3.89 -43.29 8.90
N VAL A 97 3.01 -43.94 8.13
CA VAL A 97 3.13 -45.38 7.90
C VAL A 97 3.88 -45.72 6.62
N GLN A 98 4.22 -44.73 5.80
CA GLN A 98 4.99 -45.02 4.60
C GLN A 98 6.36 -45.60 4.92
N PRO A 99 7.14 -45.03 5.86
CA PRO A 99 8.43 -45.63 6.17
C PRO A 99 8.32 -47.03 6.71
N LEU A 100 7.17 -47.40 7.27
CA LEU A 100 6.94 -48.78 7.70
C LEU A 100 7.09 -49.75 6.53
N LEU A 101 6.37 -49.47 5.44
CA LEU A 101 6.52 -50.30 4.25
C LEU A 101 7.90 -50.15 3.63
N LEU A 102 8.45 -48.93 3.65
CA LEU A 102 9.72 -48.67 3.00
C LEU A 102 10.84 -49.47 3.64
N GLY A 103 10.84 -49.58 4.96
CA GLY A 103 11.89 -50.32 5.63
C GLY A 103 11.93 -51.79 5.24
N ARG A 104 10.76 -52.43 5.19
CA ARG A 104 10.72 -53.84 4.81
C ARG A 104 11.06 -54.01 3.33
N ILE A 105 10.61 -53.09 2.48
CA ILE A 105 11.00 -53.16 1.07
C ILE A 105 12.51 -53.06 0.93
N ILE A 106 13.13 -52.16 1.70
CA ILE A 106 14.61 -52.01 1.70
C ILE A 106 15.24 -53.28 2.28
N ALA A 107 14.59 -53.90 3.26
CA ALA A 107 15.12 -55.13 3.91
C ALA A 107 15.19 -56.29 2.92
N SER A 108 14.29 -56.34 1.93
CA SER A 108 14.24 -57.49 1.00
C SER A 108 15.57 -57.67 0.26
N TYR A 109 16.23 -56.57 -0.11
CA TYR A 109 17.49 -56.65 -0.90
C TYR A 109 18.52 -57.64 -0.31
N ASP A 110 18.43 -57.96 0.99
CA ASP A 110 19.53 -58.69 1.60
C ASP A 110 19.41 -60.18 1.29
N PRO A 111 20.46 -60.81 0.76
CA PRO A 111 20.30 -62.16 0.17
C PRO A 111 19.82 -63.24 1.13
N ASP A 112 20.12 -63.16 2.42
CA ASP A 112 19.72 -64.24 3.31
C ASP A 112 18.19 -64.32 3.43
N ASN A 113 17.69 -65.55 3.53
CA ASN A 113 16.29 -65.86 3.29
C ASN A 113 15.41 -65.38 4.44
N LYS A 114 14.86 -64.18 4.27
CA LYS A 114 13.82 -63.69 5.15
C LYS A 114 12.45 -64.03 4.57
N GLU A 115 11.43 -63.97 5.44
CA GLU A 115 10.05 -64.14 4.99
C GLU A 115 9.60 -63.04 4.06
N GLU A 116 10.32 -61.90 4.03
CA GLU A 116 9.91 -60.76 3.23
C GLU A 116 9.97 -61.05 1.73
N ARG A 117 10.73 -62.06 1.31
CA ARG A 117 10.85 -62.36 -0.11
C ARG A 117 9.52 -62.78 -0.71
N SER A 118 8.56 -63.19 0.12
CA SER A 118 7.24 -63.54 -0.38
C SER A 118 6.29 -62.35 -0.33
N ILE A 119 6.46 -61.50 0.67
CA ILE A 119 5.51 -60.40 0.93
C ILE A 119 5.97 -59.14 0.21
N ALA A 120 7.07 -59.22 -0.53
CA ALA A 120 7.62 -58.04 -1.18
C ALA A 120 6.64 -57.42 -2.17
N ILE A 121 5.97 -58.26 -2.97
CA ILE A 121 5.03 -57.74 -3.96
C ILE A 121 3.85 -57.06 -3.28
N TYR A 122 3.31 -57.66 -2.22
CA TYR A 122 2.19 -57.05 -1.51
C TYR A 122 2.60 -55.72 -0.88
N LEU A 123 3.80 -55.66 -0.31
CA LEU A 123 4.28 -54.40 0.25
C LEU A 123 4.43 -53.34 -0.83
N GLY A 124 4.96 -53.72 -1.99
CA GLY A 124 5.06 -52.78 -3.08
C GLY A 124 3.72 -52.25 -3.53
N ILE A 125 2.72 -53.15 -3.62
CA ILE A 125 1.38 -52.74 -4.04
C ILE A 125 0.78 -51.77 -3.03
N GLY A 126 0.89 -52.11 -1.74
CA GLY A 126 0.37 -51.24 -0.71
C GLY A 126 1.02 -49.87 -0.72
N LEU A 127 2.34 -49.85 -0.90
CA LEU A 127 3.07 -48.59 -1.00
C LEU A 127 2.62 -47.76 -2.20
N CYS A 128 2.44 -48.41 -3.34
CA CYS A 128 1.99 -47.70 -4.54
C CYS A 128 0.63 -47.05 -4.31
N LEU A 129 -0.32 -47.83 -3.80
CA LEU A 129 -1.65 -47.29 -3.53
C LEU A 129 -1.60 -46.21 -2.45
N LEU A 130 -0.69 -46.36 -1.49
CA LEU A 130 -0.57 -45.38 -0.43
C LEU A 130 -0.13 -44.03 -0.99
N PHE A 131 0.87 -44.03 -1.87
CA PHE A 131 1.28 -42.80 -2.52
C PHE A 131 0.15 -42.19 -3.35
N ILE A 132 -0.57 -43.03 -4.09
CA ILE A 132 -1.61 -42.44 -4.94
C ILE A 132 -2.73 -41.84 -4.09
N VAL A 133 -3.05 -42.47 -2.95
CA VAL A 133 -4.05 -41.91 -2.06
C VAL A 133 -3.56 -40.61 -1.44
N ARG A 134 -2.27 -40.56 -1.09
CA ARG A 134 -1.72 -39.32 -0.55
C ARG A 134 -1.86 -38.19 -1.57
N THR A 135 -1.53 -38.46 -2.83
CA THR A 135 -1.64 -37.43 -3.86
C THR A 135 -3.08 -36.98 -4.03
N LEU A 136 -4.02 -37.92 -4.12
CA LEU A 136 -5.40 -37.54 -4.35
C LEU A 136 -6.08 -36.97 -3.11
N LEU A 137 -5.45 -37.06 -1.94
CA LEU A 137 -6.09 -36.63 -0.71
C LEU A 137 -5.48 -35.39 -0.08
N LEU A 138 -4.24 -35.05 -0.42
CA LEU A 138 -3.59 -33.95 0.29
C LEU A 138 -3.88 -32.60 -0.37
N HIS A 139 -3.56 -32.45 -1.65
CA HIS A 139 -3.58 -31.12 -2.27
C HIS A 139 -4.96 -30.49 -2.32
N PRO A 140 -6.04 -31.19 -2.73
CA PRO A 140 -7.35 -30.52 -2.76
C PRO A 140 -7.76 -29.92 -1.44
N ALA A 141 -7.41 -30.55 -0.32
CA ALA A 141 -7.64 -29.93 0.98
C ALA A 141 -6.89 -28.62 1.11
N ILE A 142 -5.65 -28.57 0.62
CA ILE A 142 -4.87 -27.33 0.67
C ILE A 142 -5.54 -26.24 -0.15
N PHE A 143 -5.99 -26.58 -1.35
CA PHE A 143 -6.67 -25.57 -2.17
C PHE A 143 -7.94 -25.08 -1.51
N GLY A 144 -8.74 -25.98 -0.96
CA GLY A 144 -9.96 -25.55 -0.30
C GLY A 144 -9.67 -24.68 0.90
N LEU A 145 -8.60 -24.98 1.64
CA LEU A 145 -8.23 -24.16 2.78
C LEU A 145 -7.85 -22.76 2.33
N HIS A 146 -7.05 -22.66 1.28
CA HIS A 146 -6.70 -21.34 0.74
C HIS A 146 -7.94 -20.60 0.29
N HIS A 147 -8.90 -21.31 -0.30
CA HIS A 147 -10.14 -20.69 -0.75
C HIS A 147 -10.94 -20.13 0.42
N ILE A 148 -11.03 -20.89 1.51
CA ILE A 148 -11.73 -20.39 2.70
C ILE A 148 -11.02 -19.16 3.25
N GLY A 149 -9.70 -19.19 3.29
CA GLY A 149 -8.97 -18.00 3.72
C GLY A 149 -9.28 -16.79 2.87
N MET A 150 -9.32 -16.98 1.54
CA MET A 150 -9.63 -15.89 0.64
C MET A 150 -11.02 -15.32 0.91
N GLN A 151 -12.01 -16.20 1.06
CA GLN A 151 -13.36 -15.73 1.32
C GLN A 151 -13.42 -14.93 2.61
N MET A 152 -12.77 -15.43 3.67
CA MET A 152 -12.79 -14.74 4.94
C MET A 152 -12.15 -13.36 4.82
N ARG A 153 -11.00 -13.28 4.14
CA ARG A 153 -10.33 -11.99 4.02
C ARG A 153 -11.17 -11.00 3.22
N ILE A 154 -11.84 -11.47 2.17
CA ILE A 154 -12.66 -10.58 1.36
C ILE A 154 -13.80 -10.00 2.20
N ALA A 155 -14.48 -10.87 2.95
CA ALA A 155 -15.58 -10.39 3.77
C ALA A 155 -15.08 -9.38 4.81
N MET A 156 -13.92 -9.67 5.41
CA MET A 156 -13.37 -8.75 6.40
C MET A 156 -13.04 -7.39 5.79
N PHE A 157 -12.45 -7.37 4.60
CA PHE A 157 -12.12 -6.09 3.96
C PHE A 157 -13.38 -5.29 3.65
N SER A 158 -14.41 -5.96 3.13
CA SER A 158 -15.64 -5.24 2.85
C SER A 158 -16.25 -4.68 4.13
N LEU A 159 -16.18 -5.43 5.22
CA LEU A 159 -16.67 -4.91 6.49
C LEU A 159 -15.84 -3.72 6.96
N ILE A 160 -14.52 -3.77 6.77
CA ILE A 160 -13.68 -2.62 7.10
C ILE A 160 -14.15 -1.38 6.37
N TYR A 161 -14.40 -1.51 5.07
CA TYR A 161 -14.80 -0.34 4.31
C TYR A 161 -16.18 0.14 4.72
N LYS A 162 -17.09 -0.79 4.99
CA LYS A 162 -18.42 -0.38 5.44
C LYS A 162 -18.35 0.35 6.77
N LYS A 163 -17.36 0.04 7.59
CA LYS A 163 -17.17 0.81 8.82
C LYS A 163 -16.52 2.15 8.54
N THR A 164 -15.57 2.21 7.61
CA THR A 164 -14.82 3.48 7.52
C THR A 164 -15.59 4.59 6.85
N LEU A 165 -16.91 4.48 6.65
CA LEU A 165 -17.72 5.60 6.22
C LEU A 165 -18.50 6.24 7.36
N LYS A 166 -19.14 5.45 8.20
CA LYS A 166 -19.90 5.96 9.32
C LYS A 166 -19.02 6.38 10.49
N LEU A 167 -17.72 6.49 10.28
CA LEU A 167 -16.80 6.78 11.37
C LEU A 167 -16.95 8.23 11.79
N SER A 168 -17.06 8.46 13.10
CA SER A 168 -17.35 9.79 13.62
C SER A 168 -16.18 10.74 13.36
N SER A 169 -16.51 12.01 13.11
CA SER A 169 -15.51 12.97 12.64
C SER A 169 -14.45 13.25 13.69
N ARG A 170 -14.80 13.21 14.97
CA ARG A 170 -13.84 13.51 16.02
C ARG A 170 -12.73 12.46 16.11
N VAL A 171 -12.91 11.32 15.47
CA VAL A 171 -11.90 10.26 15.53
C VAL A 171 -10.96 10.30 14.33
N LEU A 172 -11.38 10.91 13.23
CA LEU A 172 -10.58 10.89 12.00
C LEU A 172 -9.20 11.47 12.21
N ASP A 173 -9.12 12.60 12.93
CA ASP A 173 -7.84 13.26 13.15
C ASP A 173 -6.87 12.35 13.90
N LYS A 174 -7.38 11.47 14.77
CA LYS A 174 -6.52 10.58 15.53
C LYS A 174 -5.88 9.53 14.62
N ILE A 175 -6.64 9.00 13.68
CA ILE A 175 -6.20 7.86 12.88
C ILE A 175 -5.86 8.32 11.47
N SER A 176 -4.62 8.11 11.06
CA SER A 176 -4.15 8.53 9.75
C SER A 176 -4.22 7.35 8.78
N ILE A 177 -3.66 7.55 7.58
CA ILE A 177 -3.65 6.51 6.55
C ILE A 177 -2.80 5.32 6.94
N GLY A 178 -1.82 5.53 7.82
CA GLY A 178 -0.88 4.46 8.13
C GLY A 178 -1.55 3.23 8.71
N GLN A 179 -2.44 3.42 9.68
CA GLN A 179 -3.09 2.29 10.34
C GLN A 179 -3.82 1.42 9.33
N LEU A 180 -4.69 2.04 8.53
CA LEU A 180 -5.50 1.28 7.59
C LEU A 180 -4.65 0.61 6.53
N VAL A 181 -3.72 1.36 5.94
CA VAL A 181 -2.94 0.79 4.84
C VAL A 181 -2.09 -0.35 5.35
N SER A 182 -1.48 -0.21 6.53
CA SER A 182 -0.74 -1.33 7.10
C SER A 182 -1.66 -2.52 7.35
N LEU A 183 -2.86 -2.27 7.89
CA LEU A 183 -3.72 -3.38 8.29
C LEU A 183 -4.26 -4.15 7.10
N LEU A 184 -4.39 -3.51 5.95
CA LEU A 184 -4.73 -4.27 4.75
C LEU A 184 -3.49 -4.89 4.10
N SER A 185 -2.39 -4.15 3.99
CA SER A 185 -1.22 -4.65 3.28
C SER A 185 -0.63 -5.88 3.96
N ASN A 186 -0.45 -5.82 5.27
CA ASN A 186 0.15 -6.96 5.97
C ASN A 186 -0.74 -8.18 5.92
N ASN A 187 -2.06 -7.98 5.97
CA ASN A 187 -2.98 -9.12 5.91
C ASN A 187 -3.00 -9.77 4.55
N LEU A 188 -2.99 -8.96 3.48
CA LEU A 188 -3.39 -9.40 2.15
C LEU A 188 -2.96 -10.81 1.76
N ASN A 189 -1.66 -11.08 1.79
CA ASN A 189 -1.14 -12.36 1.35
C ASN A 189 -0.93 -13.34 2.50
N LYS A 190 -0.47 -12.84 3.64
CA LYS A 190 -0.13 -13.70 4.77
C LYS A 190 -1.36 -14.39 5.33
N PHE A 191 -2.44 -13.64 5.59
CA PHE A 191 -3.63 -14.25 6.16
C PHE A 191 -4.29 -15.21 5.19
N ASP A 192 -4.07 -15.05 3.89
CA ASP A 192 -4.64 -15.97 2.90
C ASP A 192 -3.83 -17.26 2.82
N GLU A 193 -2.54 -17.15 2.55
CA GLU A 193 -1.72 -18.35 2.44
C GLU A 193 -1.55 -19.06 3.78
N GLY A 194 -1.84 -18.38 4.88
CA GLY A 194 -1.56 -18.93 6.19
C GLY A 194 -2.62 -19.86 6.73
N LEU A 195 -3.71 -20.06 6.00
CA LEU A 195 -4.73 -20.98 6.48
C LEU A 195 -4.53 -22.40 5.98
N ALA A 196 -3.33 -22.75 5.55
CA ALA A 196 -2.98 -24.14 5.33
C ALA A 196 -2.28 -24.75 6.53
N LEU A 197 -1.70 -23.91 7.39
CA LEU A 197 -1.00 -24.36 8.59
C LEU A 197 -1.80 -24.09 9.86
N ALA A 198 -3.08 -23.75 9.74
CA ALA A 198 -3.89 -23.56 10.94
C ALA A 198 -4.16 -24.88 11.64
N HIS A 199 -4.24 -25.97 10.89
CA HIS A 199 -4.54 -27.28 11.45
C HIS A 199 -3.36 -27.90 12.16
N PHE A 200 -2.14 -27.61 11.73
CA PHE A 200 -0.97 -28.29 12.27
C PHE A 200 -0.72 -27.94 13.73
N VAL A 201 -1.58 -27.14 14.36
CA VAL A 201 -1.52 -26.98 15.81
C VAL A 201 -1.91 -28.27 16.51
N TRP A 202 -2.92 -28.97 15.98
CA TRP A 202 -3.35 -30.22 16.60
C TRP A 202 -3.03 -31.45 15.78
N ILE A 203 -2.38 -31.29 14.62
CA ILE A 203 -1.88 -32.43 13.87
C ILE A 203 -0.54 -32.89 14.40
N ALA A 204 0.34 -31.94 14.71
CA ALA A 204 1.66 -32.27 15.24
C ALA A 204 1.61 -33.15 16.48
N PRO A 205 0.78 -32.89 17.50
CA PRO A 205 0.77 -33.80 18.65
C PRO A 205 0.44 -35.24 18.27
N LEU A 206 -0.73 -35.43 17.65
CA LEU A 206 -1.18 -36.78 17.30
C LEU A 206 -0.09 -37.53 16.53
N GLN A 207 0.39 -36.92 15.45
CA GLN A 207 1.45 -37.53 14.65
C GLN A 207 2.61 -37.95 15.52
N VAL A 208 3.09 -37.04 16.38
CA VAL A 208 4.22 -37.37 17.24
C VAL A 208 3.89 -38.62 18.06
N ALA A 209 2.71 -38.63 18.68
CA ALA A 209 2.30 -39.81 19.43
C ALA A 209 2.36 -41.04 18.56
N LEU A 210 1.73 -40.97 17.38
CA LEU A 210 1.71 -42.11 16.48
C LEU A 210 3.13 -42.53 16.12
N LEU A 211 4.04 -41.58 15.97
CA LEU A 211 5.43 -41.95 15.71
C LEU A 211 6.07 -42.52 16.96
N MET A 212 5.88 -41.87 18.10
CA MET A 212 6.55 -42.31 19.32
C MET A 212 6.07 -43.68 19.76
N GLY A 213 4.95 -44.15 19.22
CA GLY A 213 4.58 -45.53 19.38
C GLY A 213 5.44 -46.42 18.53
N LEU A 214 5.42 -46.18 17.21
CA LEU A 214 6.09 -47.09 16.28
C LEU A 214 7.59 -47.16 16.56
N ILE A 215 8.23 -46.01 16.75
CA ILE A 215 9.65 -46.01 17.08
C ILE A 215 9.88 -46.79 18.38
N TRP A 216 8.96 -46.63 19.34
CA TRP A 216 9.07 -47.39 20.57
C TRP A 216 9.03 -48.88 20.33
N GLU A 217 8.29 -49.34 19.32
CA GLU A 217 8.29 -50.76 19.02
C GLU A 217 9.65 -51.18 18.46
N LEU A 218 10.31 -50.28 17.75
CA LEU A 218 11.69 -50.53 17.35
C LEU A 218 12.62 -50.36 18.55
N LEU A 219 12.63 -49.17 19.13
CA LEU A 219 13.55 -48.84 20.20
C LEU A 219 12.82 -48.81 21.54
N GLN A 220 13.18 -49.73 22.43
CA GLN A 220 12.35 -50.00 23.60
C GLN A 220 12.35 -48.84 24.57
N ALA A 221 13.52 -48.32 24.92
CA ALA A 221 13.58 -47.38 26.04
C ALA A 221 14.48 -46.17 25.82
N SER A 222 14.89 -45.85 24.59
CA SER A 222 15.66 -44.65 24.34
C SER A 222 14.86 -43.60 23.56
N ALA A 223 13.77 -44.03 22.92
CA ALA A 223 12.89 -43.08 22.25
C ALA A 223 12.36 -42.05 23.23
N PHE A 224 12.25 -42.42 24.52
CA PHE A 224 11.80 -41.45 25.51
C PHE A 224 12.86 -40.38 25.76
N CYS A 225 14.14 -40.76 25.74
CA CYS A 225 15.20 -39.75 25.83
C CYS A 225 15.19 -38.83 24.61
N GLY A 226 15.02 -39.43 23.42
CA GLY A 226 14.88 -38.60 22.23
C GLY A 226 13.71 -37.64 22.31
N LEU A 227 12.57 -38.12 22.82
CA LEU A 227 11.40 -37.27 23.00
C LEU A 227 11.66 -36.17 24.00
N GLY A 228 12.39 -36.46 25.07
CA GLY A 228 12.75 -35.41 26.01
C GLY A 228 13.58 -34.32 25.35
N PHE A 229 14.55 -34.73 24.53
CA PHE A 229 15.35 -33.74 23.81
C PHE A 229 14.45 -32.92 22.88
N LEU A 230 13.51 -33.59 22.20
CA LEU A 230 12.62 -32.87 21.29
C LEU A 230 11.71 -31.91 22.02
N ILE A 231 11.26 -32.27 23.22
CA ILE A 231 10.43 -31.37 24.00
C ILE A 231 11.23 -30.15 24.43
N VAL A 232 12.48 -30.36 24.84
CA VAL A 232 13.35 -29.22 25.11
C VAL A 232 13.47 -28.34 23.87
N LEU A 233 13.59 -28.98 22.70
CA LEU A 233 13.71 -28.24 21.46
C LEU A 233 12.46 -27.42 21.18
N ALA A 234 11.28 -28.00 21.42
CA ALA A 234 10.03 -27.29 21.16
C ALA A 234 9.85 -26.12 22.13
N LEU A 235 10.25 -26.29 23.39
CA LEU A 235 10.18 -25.17 24.32
C LEU A 235 11.13 -24.05 23.92
N PHE A 236 12.35 -24.41 23.51
CA PHE A 236 13.27 -23.40 22.99
C PHE A 236 12.65 -22.70 21.77
N GLN A 237 11.98 -23.47 20.91
CA GLN A 237 11.38 -22.91 19.71
C GLN A 237 10.30 -21.90 20.06
N ALA A 238 9.42 -22.26 20.99
CA ALA A 238 8.36 -21.33 21.39
C ALA A 238 8.94 -20.12 22.11
N GLY A 239 10.06 -20.30 22.81
CA GLY A 239 10.72 -19.16 23.41
C GLY A 239 11.21 -18.17 22.37
N LEU A 240 11.85 -18.67 21.31
CA LEU A 240 12.24 -17.80 20.21
C LEU A 240 11.03 -17.15 19.55
N GLY A 241 9.94 -17.91 19.40
CA GLY A 241 8.74 -17.34 18.82
C GLY A 241 8.18 -16.19 19.63
N ARG A 242 8.17 -16.34 20.96
CA ARG A 242 7.75 -15.23 21.82
C ARG A 242 8.72 -14.06 21.71
N MET A 243 10.02 -14.35 21.61
CA MET A 243 10.99 -13.26 21.49
C MET A 243 10.77 -12.47 20.21
N MET A 244 10.33 -13.13 19.15
CA MET A 244 10.21 -12.44 17.86
C MET A 244 9.03 -11.48 17.86
N MET A 245 7.91 -11.87 18.47
CA MET A 245 6.72 -11.01 18.42
C MET A 245 6.96 -9.70 19.14
N LYS A 246 7.72 -9.72 20.25
CA LYS A 246 8.07 -8.49 20.91
C LYS A 246 8.92 -7.57 20.03
N TYR A 247 9.49 -8.10 18.96
CA TYR A 247 10.31 -7.34 18.03
C TYR A 247 9.57 -6.97 16.76
N ARG A 248 8.24 -7.05 16.76
CA ARG A 248 7.42 -6.61 15.64
C ARG A 248 6.44 -5.51 16.05
N ASP A 249 5.91 -5.59 17.27
CA ASP A 249 4.94 -4.63 17.75
C ASP A 249 5.62 -3.31 18.12
N GLN A 250 6.95 -3.27 17.98
CA GLN A 250 7.69 -2.02 18.05
C GLN A 250 8.07 -1.47 16.68
N ARG A 251 7.96 -2.28 15.64
CA ARG A 251 8.15 -1.82 14.26
C ARG A 251 6.85 -1.31 13.66
N ALA A 252 5.73 -1.99 13.96
CA ALA A 252 4.44 -1.63 13.39
C ALA A 252 3.94 -0.28 13.88
N GLY A 253 4.62 0.34 14.83
CA GLY A 253 4.25 1.67 15.27
C GLY A 253 4.93 2.76 14.47
N LYS A 254 6.01 2.40 13.78
CA LYS A 254 6.75 3.37 12.98
C LYS A 254 6.61 3.13 11.48
N ILE A 255 6.19 1.93 11.07
CA ILE A 255 5.89 1.73 9.66
C ILE A 255 4.79 2.69 9.21
N SER A 256 3.79 2.92 10.07
CA SER A 256 2.73 3.84 9.74
C SER A 256 3.25 5.27 9.57
N GLU A 257 4.16 5.69 10.44
CA GLU A 257 4.72 7.03 10.32
C GLU A 257 5.47 7.19 9.01
N ARG A 258 6.31 6.20 8.66
CA ARG A 258 7.02 6.29 7.40
C ARG A 258 6.05 6.32 6.23
N LEU A 259 4.99 5.51 6.29
CA LEU A 259 4.01 5.49 5.21
C LEU A 259 3.31 6.82 5.05
N VAL A 260 2.91 7.45 6.16
CA VAL A 260 2.20 8.71 6.04
C VAL A 260 3.12 9.81 5.53
N ILE A 261 4.39 9.80 5.97
CA ILE A 261 5.34 10.78 5.44
C ILE A 261 5.50 10.58 3.95
N THR A 262 5.65 9.34 3.50
CA THR A 262 5.84 9.08 2.08
C THR A 262 4.62 9.51 1.26
N SER A 263 3.42 9.19 1.76
CA SER A 263 2.22 9.55 1.02
C SER A 263 2.07 11.05 0.91
N GLU A 264 2.25 11.77 2.02
CA GLU A 264 2.18 13.22 1.97
C GLU A 264 3.27 13.79 1.08
N MET A 265 4.43 13.14 1.07
CA MET A 265 5.54 13.57 0.23
C MET A 265 5.21 13.49 -1.25
N ILE A 266 4.66 12.35 -1.67
CA ILE A 266 4.48 12.08 -3.09
C ILE A 266 3.18 12.66 -3.65
N GLU A 267 2.15 12.82 -2.82
CA GLU A 267 0.89 13.38 -3.33
C GLU A 267 1.09 14.78 -3.86
N ASN A 268 1.85 15.61 -3.16
CA ASN A 268 2.07 16.99 -3.59
C ASN A 268 3.54 17.29 -3.81
N ILE A 269 4.24 16.40 -4.52
CA ILE A 269 5.65 16.59 -4.83
C ILE A 269 5.89 17.91 -5.57
N GLN A 270 4.84 18.49 -6.14
CA GLN A 270 4.96 19.77 -6.82
C GLN A 270 5.71 20.79 -5.97
N SER A 271 5.17 21.08 -4.79
CA SER A 271 5.80 22.06 -3.90
C SER A 271 7.16 21.57 -3.42
N VAL A 272 7.31 20.27 -3.20
CA VAL A 272 8.58 19.73 -2.71
C VAL A 272 9.70 20.04 -3.69
N LYS A 273 9.49 19.71 -4.96
CA LYS A 273 10.51 19.98 -5.97
C LYS A 273 10.68 21.47 -6.18
N ALA A 274 9.58 22.23 -6.08
CA ALA A 274 9.70 23.68 -6.26
C ALA A 274 10.59 24.32 -5.19
N TYR A 275 10.48 23.84 -3.95
CA TYR A 275 11.24 24.43 -2.85
C TYR A 275 12.69 24.01 -2.82
N CYS A 276 13.11 23.05 -3.64
CA CYS A 276 14.42 22.42 -3.54
C CYS A 276 14.60 21.74 -2.18
N TRP A 277 13.56 21.06 -1.72
CA TRP A 277 13.62 20.18 -0.56
C TRP A 277 13.86 18.76 -1.06
N GLU A 278 15.12 18.39 -1.15
CA GLU A 278 15.50 17.07 -1.61
C GLU A 278 16.28 16.28 -0.58
N GLU A 279 17.32 16.87 0.01
CA GLU A 279 18.18 16.15 0.93
C GLU A 279 17.58 16.02 2.33
N ALA A 280 16.88 17.05 2.81
CA ALA A 280 16.29 16.98 4.15
C ALA A 280 15.26 15.86 4.22
N MET A 281 14.43 15.74 3.19
CA MET A 281 13.41 14.70 3.17
C MET A 281 14.05 13.32 3.17
N GLU A 282 15.11 13.14 2.39
CA GLU A 282 15.81 11.87 2.40
C GLU A 282 16.43 11.57 3.76
N LYS A 283 16.97 12.60 4.42
CA LYS A 283 17.53 12.41 5.75
C LYS A 283 16.47 11.93 6.73
N MET A 284 15.28 12.56 6.70
CA MET A 284 14.22 12.14 7.61
C MET A 284 13.78 10.70 7.33
N ILE A 285 13.58 10.37 6.05
CA ILE A 285 13.12 9.04 5.71
C ILE A 285 14.13 7.98 6.12
N GLU A 286 15.43 8.24 5.86
CA GLU A 286 16.43 7.25 6.24
C GLU A 286 16.62 7.20 7.75
N ASN A 287 16.36 8.31 8.46
CA ASN A 287 16.37 8.25 9.92
C ASN A 287 15.31 7.28 10.42
N LEU A 288 14.11 7.32 9.86
CA LEU A 288 13.12 6.32 10.23
C LEU A 288 13.57 4.91 9.83
N ARG A 289 14.13 4.79 8.63
CA ARG A 289 14.58 3.49 8.15
C ARG A 289 15.64 2.88 9.04
N GLN A 290 16.44 3.71 9.71
CA GLN A 290 17.50 3.15 10.56
C GLN A 290 16.91 2.33 11.71
N THR A 291 15.95 2.90 12.43
CA THR A 291 15.34 2.16 13.53
C THR A 291 14.56 0.95 13.01
N GLU A 292 13.82 1.15 11.91
CA GLU A 292 13.10 0.02 11.34
C GLU A 292 14.06 -1.11 10.98
N LEU A 293 15.27 -0.75 10.53
CA LEU A 293 16.25 -1.76 10.17
C LEU A 293 16.82 -2.46 11.38
N LYS A 294 17.08 -1.72 12.47
CA LYS A 294 17.55 -2.39 13.67
C LYS A 294 16.56 -3.46 14.12
N LEU A 295 15.27 -3.10 14.17
CA LEU A 295 14.27 -4.06 14.58
C LEU A 295 14.19 -5.24 13.62
N THR A 296 14.20 -4.97 12.31
CA THR A 296 14.12 -6.07 11.35
C THR A 296 15.34 -6.97 11.43
N ARG A 297 16.52 -6.39 11.69
CA ARG A 297 17.73 -7.19 11.83
C ARG A 297 17.62 -8.17 12.99
N LYS A 298 17.21 -7.67 14.15
CA LYS A 298 17.11 -8.57 15.31
C LYS A 298 16.05 -9.64 15.08
N ALA A 299 14.90 -9.26 14.51
CA ALA A 299 13.88 -10.24 14.22
C ALA A 299 14.37 -11.28 13.23
N ALA A 300 15.18 -10.87 12.25
CA ALA A 300 15.69 -11.81 11.27
C ALA A 300 16.67 -12.80 11.90
N TYR A 301 17.55 -12.33 12.79
CA TYR A 301 18.43 -13.26 13.50
C TYR A 301 17.62 -14.30 14.27
N VAL A 302 16.60 -13.85 15.00
CA VAL A 302 15.79 -14.80 15.76
C VAL A 302 15.10 -15.79 14.83
N ARG A 303 14.55 -15.30 13.72
CA ARG A 303 13.84 -16.19 12.81
C ARG A 303 14.79 -17.19 12.16
N TYR A 304 16.06 -16.80 12.00
CA TYR A 304 17.05 -17.69 11.34
C TYR A 304 17.31 -18.93 12.19
N PHE A 305 17.56 -18.74 13.49
CA PHE A 305 17.88 -19.89 14.39
C PHE A 305 16.67 -20.84 14.42
N ASN A 306 15.47 -20.27 14.35
CA ASN A 306 14.21 -21.05 14.34
C ASN A 306 14.25 -21.99 13.13
N SER A 307 14.60 -21.47 11.97
CA SER A 307 14.61 -22.25 10.70
C SER A 307 15.64 -23.38 10.76
N SER A 308 16.81 -23.14 11.37
CA SER A 308 17.91 -24.14 11.34
C SER A 308 17.55 -25.37 12.20
N ALA A 309 16.54 -25.25 13.07
CA ALA A 309 16.25 -26.35 14.04
C ALA A 309 16.02 -27.65 13.27
N PHE A 310 15.27 -27.63 12.16
CA PHE A 310 15.12 -28.86 11.36
C PHE A 310 16.49 -29.33 10.87
N PHE A 311 17.24 -28.43 10.23
CA PHE A 311 18.39 -28.83 9.46
C PHE A 311 19.56 -29.21 10.34
N PHE A 312 19.60 -28.71 11.58
CA PHE A 312 20.75 -29.01 12.41
C PHE A 312 20.40 -29.77 13.69
N SER A 313 19.18 -30.31 13.80
CA SER A 313 18.87 -31.20 14.91
C SER A 313 18.86 -32.67 14.50
N GLY A 314 19.04 -32.97 13.21
CA GLY A 314 18.83 -34.32 12.73
C GLY A 314 19.82 -35.32 13.29
N PHE A 315 21.11 -34.96 13.29
CA PHE A 315 22.09 -35.88 13.84
C PHE A 315 21.93 -35.99 15.35
N PHE A 316 21.65 -34.88 16.03
CA PHE A 316 21.55 -34.90 17.49
C PHE A 316 20.42 -35.82 17.96
N VAL A 317 19.25 -35.71 17.35
CA VAL A 317 18.12 -36.51 17.82
C VAL A 317 18.41 -37.99 17.65
N VAL A 318 18.90 -38.39 16.47
CA VAL A 318 19.14 -39.81 16.23
C VAL A 318 20.27 -40.32 17.11
N PHE A 319 21.33 -39.52 17.28
CA PHE A 319 22.43 -39.89 18.14
C PHE A 319 21.95 -40.18 19.55
N LEU A 320 21.22 -39.23 20.14
CA LEU A 320 20.75 -39.39 21.51
C LEU A 320 19.59 -40.35 21.64
N SER A 321 19.00 -40.77 20.51
CA SER A 321 17.94 -41.76 20.56
C SER A 321 18.41 -43.19 20.34
N VAL A 322 19.57 -43.40 19.73
CA VAL A 322 20.02 -44.76 19.45
C VAL A 322 21.38 -45.07 20.07
N LEU A 323 22.00 -44.13 20.79
CA LEU A 323 23.21 -44.50 21.54
C LEU A 323 22.95 -45.55 22.61
N PRO A 324 21.98 -45.38 23.51
CA PRO A 324 21.90 -46.31 24.66
C PRO A 324 21.58 -47.74 24.27
N TYR A 325 20.54 -47.95 23.46
CA TYR A 325 20.17 -49.31 23.09
C TYR A 325 21.30 -50.01 22.35
N ALA A 326 21.96 -49.29 21.44
CA ALA A 326 23.12 -49.86 20.75
C ALA A 326 24.23 -50.20 21.71
N LEU A 327 24.48 -49.35 22.70
CA LEU A 327 25.53 -49.63 23.67
C LEU A 327 25.22 -50.89 24.48
N ILE A 328 23.97 -51.06 24.90
CA ILE A 328 23.66 -52.17 25.79
C ILE A 328 23.57 -53.49 25.03
N LYS A 329 23.09 -53.47 23.79
CA LYS A 329 22.80 -54.71 23.10
C LYS A 329 23.33 -54.76 21.67
N GLY A 330 23.55 -53.62 21.02
CA GLY A 330 24.01 -53.63 19.64
C GLY A 330 22.88 -53.39 18.66
N ILE A 331 23.22 -53.19 17.38
CA ILE A 331 22.23 -52.83 16.38
C ILE A 331 22.56 -53.47 15.04
N ILE A 332 21.54 -54.07 14.42
CA ILE A 332 21.57 -54.45 13.01
C ILE A 332 21.11 -53.24 12.19
N LEU A 333 21.79 -52.97 11.08
CA LEU A 333 21.67 -51.69 10.42
C LEU A 333 20.24 -51.39 9.98
N ARG A 334 19.40 -52.42 9.85
CA ARG A 334 17.98 -52.17 9.61
C ARG A 334 17.39 -51.27 10.68
N LYS A 335 17.74 -51.50 11.94
CA LYS A 335 17.22 -50.68 13.03
C LYS A 335 17.61 -49.22 12.83
N ILE A 336 18.88 -48.97 12.53
CA ILE A 336 19.35 -47.58 12.37
C ILE A 336 18.66 -46.92 11.19
N PHE A 337 18.53 -47.64 10.07
CA PHE A 337 17.91 -47.02 8.91
C PHE A 337 16.45 -46.69 9.14
N THR A 338 15.68 -47.64 9.71
CA THR A 338 14.27 -47.35 9.94
C THR A 338 14.10 -46.26 11.00
N THR A 339 15.01 -46.19 11.98
CA THR A 339 14.96 -45.11 12.93
C THR A 339 15.19 -43.77 12.25
N ILE A 340 16.13 -43.71 11.30
CA ILE A 340 16.33 -42.48 10.54
C ILE A 340 15.09 -42.12 9.75
N SER A 341 14.47 -43.11 9.10
CA SER A 341 13.33 -42.82 8.25
C SER A 341 12.11 -42.39 9.05
N PHE A 342 11.99 -42.83 10.31
CA PHE A 342 10.96 -42.25 11.17
C PHE A 342 11.37 -40.88 11.70
N CYS A 343 12.64 -40.71 12.02
CA CYS A 343 13.10 -39.47 12.63
C CYS A 343 12.98 -38.30 11.67
N ILE A 344 13.09 -38.55 10.37
CA ILE A 344 12.89 -37.46 9.41
C ILE A 344 11.49 -36.88 9.56
N VAL A 345 10.48 -37.76 9.55
CA VAL A 345 9.09 -37.29 9.65
C VAL A 345 8.84 -36.66 11.01
N LEU A 346 9.40 -37.24 12.07
CA LEU A 346 9.21 -36.67 13.40
C LEU A 346 9.82 -35.27 13.48
N ARG A 347 11.04 -35.11 12.97
CA ARG A 347 11.69 -33.82 12.89
C ARG A 347 10.81 -32.82 12.16
N MET A 348 10.27 -33.23 11.01
CA MET A 348 9.43 -32.34 10.22
C MET A 348 8.19 -31.93 10.99
N ALA A 349 7.54 -32.88 11.66
CA ALA A 349 6.25 -32.62 12.27
C ALA A 349 6.33 -31.97 13.64
N VAL A 350 7.51 -31.90 14.25
CA VAL A 350 7.61 -31.17 15.51
C VAL A 350 8.74 -30.15 15.49
N THR A 351 9.18 -29.74 14.30
CA THR A 351 10.16 -28.67 14.20
C THR A 351 9.78 -27.54 13.28
N ARG A 352 9.05 -27.78 12.19
CA ARG A 352 8.59 -26.71 11.32
C ARG A 352 7.09 -26.74 11.09
N GLN A 353 6.37 -27.65 11.71
CA GLN A 353 4.92 -27.69 11.58
C GLN A 353 4.17 -27.31 12.83
N PHE A 354 4.70 -27.60 14.02
CA PHE A 354 4.05 -27.07 15.20
C PHE A 354 4.37 -25.59 15.39
N PRO A 355 5.64 -25.18 15.51
CA PRO A 355 5.89 -23.76 15.82
C PRO A 355 5.35 -22.78 14.80
N TRP A 356 5.37 -23.12 13.51
CA TRP A 356 4.79 -22.21 12.53
C TRP A 356 3.27 -22.18 12.64
N ALA A 357 2.66 -23.29 13.02
CA ALA A 357 1.21 -23.28 13.23
C ALA A 357 0.82 -22.39 14.40
N VAL A 358 1.53 -22.50 15.52
CA VAL A 358 1.21 -21.63 16.65
C VAL A 358 1.54 -20.19 16.32
N GLN A 359 2.57 -19.97 15.49
CA GLN A 359 2.88 -18.61 15.04
C GLN A 359 1.72 -18.02 14.24
N THR A 360 1.21 -18.76 13.25
CA THR A 360 0.14 -18.22 12.43
C THR A 360 -1.12 -18.06 13.24
N TRP A 361 -1.34 -18.90 14.25
CA TRP A 361 -2.51 -18.72 15.09
C TRP A 361 -2.39 -17.46 15.94
N TYR A 362 -1.24 -17.25 16.58
CA TYR A 362 -1.01 -16.01 17.31
C TYR A 362 -1.26 -14.81 16.42
N ASP A 363 -0.68 -14.82 15.22
CA ASP A 363 -0.74 -13.63 14.37
C ASP A 363 -2.15 -13.40 13.84
N SER A 364 -2.84 -14.47 13.43
CA SER A 364 -4.20 -14.30 12.94
C SER A 364 -5.12 -13.79 14.04
N LEU A 365 -4.98 -14.33 15.26
CA LEU A 365 -5.81 -13.81 16.35
C LEU A 365 -5.46 -12.37 16.68
N GLY A 366 -4.18 -12.00 16.60
CA GLY A 366 -3.82 -10.61 16.83
C GLY A 366 -4.46 -9.68 15.83
N ALA A 367 -4.39 -10.04 14.54
CA ALA A 367 -5.02 -9.20 13.52
C ALA A 367 -6.53 -9.14 13.70
N ILE A 368 -7.15 -10.27 14.01
CA ILE A 368 -8.60 -10.29 14.19
C ILE A 368 -9.02 -9.41 15.35
N ASN A 369 -8.29 -9.49 16.47
CA ASN A 369 -8.65 -8.67 17.61
C ASN A 369 -8.35 -7.20 17.37
N LYS A 370 -7.32 -6.88 16.60
CA LYS A 370 -7.08 -5.49 16.22
C LYS A 370 -8.24 -4.96 15.38
N ILE A 371 -8.74 -5.78 14.46
CA ILE A 371 -9.90 -5.37 13.65
C ILE A 371 -11.12 -5.19 14.54
N GLN A 372 -11.32 -6.10 15.49
CA GLN A 372 -12.45 -5.99 16.40
C GLN A 372 -12.37 -4.70 17.20
N ASP A 373 -11.17 -4.36 17.67
CA ASP A 373 -10.98 -3.08 18.34
C ASP A 373 -11.35 -1.93 17.40
N PHE A 374 -10.94 -2.03 16.14
CA PHE A 374 -11.28 -1.00 15.16
C PHE A 374 -12.79 -0.81 15.07
N LEU A 375 -13.53 -1.91 14.96
CA LEU A 375 -14.98 -1.80 14.83
C LEU A 375 -15.63 -1.22 16.08
N GLN A 376 -14.92 -1.15 17.20
CA GLN A 376 -15.44 -0.53 18.41
C GLN A 376 -14.91 0.91 18.45
N LYS A 377 -15.49 1.75 17.61
CA LYS A 377 -15.12 3.16 17.54
C LYS A 377 -16.37 3.99 17.35
N GLN A 378 -16.33 5.22 17.89
CA GLN A 378 -17.53 6.04 18.00
C GLN A 378 -18.15 6.28 16.63
N GLU A 379 -19.46 6.10 16.55
CA GLU A 379 -20.20 6.17 15.29
C GLU A 379 -21.00 7.47 15.24
N TYR A 380 -20.94 8.14 14.10
CA TYR A 380 -21.62 9.41 13.91
C TYR A 380 -23.10 9.18 13.68
N LYS A 381 -23.91 9.50 14.69
CA LYS A 381 -25.35 9.30 14.64
C LYS A 381 -26.06 10.52 14.07
N THR A 382 -26.94 10.28 13.10
CA THR A 382 -27.55 11.33 12.29
C THR A 382 -28.99 11.56 12.73
N LEU A 383 -29.37 12.83 12.86
CA LEU A 383 -30.73 13.26 13.18
C LEU A 383 -31.22 14.26 12.15
N GLU A 384 -31.10 13.93 10.87
CA GLU A 384 -31.63 14.78 9.82
C GLU A 384 -33.13 14.53 9.70
N TYR A 385 -33.93 15.51 10.07
CA TYR A 385 -35.39 15.38 10.13
C TYR A 385 -35.98 15.74 8.78
N ASN A 386 -36.63 14.77 8.14
CA ASN A 386 -37.35 15.07 6.91
C ASN A 386 -38.58 15.94 7.18
N LEU A 387 -39.14 15.85 8.39
CA LEU A 387 -40.24 16.72 8.79
C LEU A 387 -39.66 18.05 9.24
N THR A 388 -40.18 19.14 8.69
CA THR A 388 -39.73 20.48 9.03
C THR A 388 -40.74 21.48 8.51
N THR A 389 -40.55 22.74 8.90
CA THR A 389 -41.38 23.84 8.42
C THR A 389 -40.67 24.64 7.31
N THR A 390 -39.74 23.99 6.60
CA THR A 390 -38.92 24.66 5.58
C THR A 390 -38.20 25.88 6.16
N GLU A 391 -37.93 25.83 7.46
CA GLU A 391 -37.35 26.94 8.19
C GLU A 391 -36.17 26.41 9.00
N VAL A 392 -35.02 27.05 8.87
CA VAL A 392 -33.78 26.58 9.49
C VAL A 392 -33.52 27.42 10.73
N VAL A 393 -33.39 26.77 11.88
CA VAL A 393 -33.20 27.46 13.15
C VAL A 393 -31.97 26.91 13.85
N MET A 394 -31.18 27.82 14.44
CA MET A 394 -30.02 27.46 15.21
C MET A 394 -29.96 28.37 16.44
N GLU A 395 -29.78 27.78 17.61
CA GLU A 395 -30.03 28.52 18.84
C GLU A 395 -29.00 28.14 19.91
N ASN A 396 -28.29 29.15 20.43
CA ASN A 396 -27.47 29.04 21.63
C ASN A 396 -26.53 27.85 21.55
N VAL A 397 -25.61 27.90 20.60
CA VAL A 397 -24.71 26.77 20.34
C VAL A 397 -23.31 27.14 20.79
N THR A 398 -22.54 26.13 21.16
CA THR A 398 -21.13 26.28 21.44
C THR A 398 -20.46 24.97 21.03
N ALA A 399 -19.20 25.06 20.60
CA ALA A 399 -18.56 23.90 20.03
C ALA A 399 -17.14 23.77 20.56
N PHE A 400 -16.70 22.52 20.66
CA PHE A 400 -15.38 22.15 21.15
C PHE A 400 -14.77 21.16 20.16
N TRP A 401 -13.57 21.46 19.68
CA TRP A 401 -12.93 20.55 18.73
C TRP A 401 -12.43 19.29 19.41
N GLU A 402 -11.50 19.41 20.35
CA GLU A 402 -10.96 18.23 20.99
C GLU A 402 -11.85 17.80 22.15
N GLU A 403 -11.98 16.48 22.33
CA GLU A 403 -13.02 15.95 23.20
C GLU A 403 -12.79 16.27 24.67
N GLY A 404 -11.54 16.47 25.08
CA GLY A 404 -11.26 16.74 26.49
C GLY A 404 -11.95 17.99 26.98
N PHE A 405 -11.89 19.07 26.19
CA PHE A 405 -12.62 20.27 26.57
C PHE A 405 -14.12 20.04 26.50
N GLY A 406 -14.57 19.11 25.65
CA GLY A 406 -15.98 18.76 25.63
C GLY A 406 -16.44 18.16 26.94
N GLU A 407 -15.67 17.21 27.49
CA GLU A 407 -16.09 16.56 28.72
C GLU A 407 -15.86 17.45 29.94
N LEU A 408 -14.75 18.19 29.96
CA LEU A 408 -14.43 18.99 31.14
C LEU A 408 -15.39 20.15 31.36
N PHE A 409 -16.16 20.54 30.35
CA PHE A 409 -17.12 21.62 30.52
C PHE A 409 -18.29 21.17 31.40
N GLY A 437 -8.95 27.37 27.53
CA GLY A 437 -9.10 27.59 26.10
C GLY A 437 -10.53 27.89 25.69
N THR A 438 -10.72 29.00 24.99
CA THR A 438 -12.05 29.40 24.57
C THR A 438 -12.58 28.43 23.51
N PRO A 439 -13.89 28.21 23.48
CA PRO A 439 -14.49 27.50 22.35
C PRO A 439 -14.42 28.33 21.08
N VAL A 440 -14.41 27.61 19.94
CA VAL A 440 -14.38 28.28 18.65
C VAL A 440 -15.72 28.87 18.26
N LEU A 441 -16.76 28.70 19.07
CA LEU A 441 -18.01 29.43 18.92
C LEU A 441 -18.63 29.60 20.30
N LYS A 442 -19.64 30.47 20.38
CA LYS A 442 -20.44 30.60 21.60
C LYS A 442 -21.68 31.44 21.30
N ASP A 443 -22.80 31.07 21.93
CA ASP A 443 -24.04 31.84 21.98
C ASP A 443 -24.39 32.54 20.66
N ILE A 444 -24.47 31.74 19.60
CA ILE A 444 -24.89 32.21 18.29
C ILE A 444 -26.30 31.70 18.02
N ASN A 445 -27.09 32.50 17.29
CA ASN A 445 -28.45 32.09 16.97
C ASN A 445 -28.88 32.78 15.68
N PHE A 446 -29.64 32.07 14.87
CA PHE A 446 -30.27 32.66 13.70
C PHE A 446 -31.44 31.80 13.25
N LYS A 447 -32.27 32.39 12.40
CA LYS A 447 -33.48 31.78 11.88
C LYS A 447 -33.65 32.23 10.44
N ILE A 448 -33.93 31.27 9.55
CA ILE A 448 -33.93 31.52 8.12
C ILE A 448 -35.19 30.88 7.51
N GLU A 449 -35.87 31.63 6.65
CA GLU A 449 -37.05 31.13 5.96
C GLU A 449 -36.66 30.27 4.77
N ARG A 450 -37.65 29.97 3.93
CA ARG A 450 -37.40 29.31 2.65
C ARG A 450 -37.48 30.34 1.52
N GLY A 451 -36.43 30.41 0.73
CA GLY A 451 -36.28 31.45 -0.26
C GLY A 451 -35.44 32.63 0.17
N GLN A 452 -34.80 32.54 1.32
CA GLN A 452 -34.03 33.62 1.92
C GLN A 452 -32.60 33.15 2.11
N LEU A 453 -31.65 34.06 1.95
CA LEU A 453 -30.24 33.70 1.98
C LEU A 453 -29.53 34.41 3.12
N LEU A 454 -28.70 33.66 3.83
CA LEU A 454 -27.78 34.22 4.80
C LEU A 454 -26.43 34.46 4.14
N ALA A 455 -25.65 35.35 4.75
CA ALA A 455 -24.28 35.61 4.31
C ALA A 455 -23.43 35.76 5.57
N VAL A 456 -22.89 34.64 6.04
CA VAL A 456 -22.06 34.65 7.23
C VAL A 456 -20.63 34.98 6.79
N ALA A 457 -20.09 36.06 7.33
CA ALA A 457 -18.77 36.54 6.96
C ALA A 457 -17.94 36.73 8.21
N GLY A 458 -16.72 36.20 8.16
CA GLY A 458 -15.85 36.26 9.33
C GLY A 458 -14.43 36.54 8.94
N SER A 459 -13.77 37.40 9.74
CA SER A 459 -12.35 37.58 9.61
C SER A 459 -11.64 36.27 9.94
N THR A 460 -10.48 36.06 9.31
CA THR A 460 -9.87 34.73 9.27
C THR A 460 -9.69 34.17 10.67
N GLY A 461 -9.97 32.88 10.83
CA GLY A 461 -9.90 32.24 12.13
C GLY A 461 -11.14 32.37 12.99
N ALA A 462 -12.18 33.06 12.51
CA ALA A 462 -13.38 33.18 13.31
C ALA A 462 -14.14 31.88 13.41
N GLY A 463 -14.11 31.05 12.38
CA GLY A 463 -14.75 29.76 12.44
C GLY A 463 -15.94 29.59 11.52
N LYS A 464 -15.92 30.26 10.36
CA LYS A 464 -17.01 30.13 9.41
C LYS A 464 -17.18 28.67 8.97
N THR A 465 -16.09 28.04 8.55
CA THR A 465 -16.16 26.63 8.21
C THR A 465 -16.59 25.80 9.40
N SER A 466 -16.19 26.20 10.61
CA SER A 466 -16.64 25.49 11.80
C SER A 466 -18.16 25.61 11.97
N LEU A 467 -18.70 26.79 11.70
CA LEU A 467 -20.15 26.97 11.79
C LEU A 467 -20.86 26.08 10.77
N LEU A 468 -20.35 26.03 9.54
CA LEU A 468 -20.95 25.14 8.54
C LEU A 468 -20.89 23.69 9.01
N MET A 469 -19.76 23.27 9.58
CA MET A 469 -19.65 21.92 10.08
C MET A 469 -20.68 21.65 11.17
N VAL A 470 -20.87 22.60 12.08
CA VAL A 470 -21.86 22.43 13.14
C VAL A 470 -23.25 22.30 12.55
N ILE A 471 -23.58 23.12 11.55
CA ILE A 471 -24.86 22.98 10.85
C ILE A 471 -24.99 21.59 10.28
N MET A 472 -23.90 21.06 9.72
CA MET A 472 -23.88 19.68 9.24
C MET A 472 -24.10 18.65 10.34
N GLY A 473 -23.86 19.01 11.59
CA GLY A 473 -23.90 18.03 12.66
C GLY A 473 -22.67 17.16 12.75
N GLU A 474 -21.73 17.28 11.81
CA GLU A 474 -20.48 16.53 11.90
C GLU A 474 -19.66 16.92 13.12
N LEU A 475 -19.87 18.13 13.64
CA LEU A 475 -19.34 18.52 14.93
C LEU A 475 -20.50 18.53 15.92
N GLU A 476 -20.33 17.84 17.05
CA GLU A 476 -21.39 17.76 18.03
C GLU A 476 -21.42 19.02 18.87
N PRO A 477 -22.52 19.78 18.86
CA PRO A 477 -22.59 21.00 19.67
C PRO A 477 -22.59 20.66 21.15
N SER A 478 -21.64 21.22 21.88
CA SER A 478 -21.54 20.93 23.32
C SER A 478 -22.79 21.36 24.06
N GLU A 479 -23.57 22.26 23.47
CA GLU A 479 -24.85 22.70 24.03
C GLU A 479 -25.58 23.51 22.97
N GLY A 480 -26.89 23.31 22.86
CA GLY A 480 -27.70 24.14 21.99
C GLY A 480 -28.63 23.33 21.11
N LYS A 481 -29.27 24.03 20.17
CA LYS A 481 -30.36 23.47 19.40
C LYS A 481 -30.17 23.74 17.92
N ILE A 482 -30.49 22.73 17.10
CA ILE A 482 -30.34 22.76 15.66
C ILE A 482 -31.61 22.19 15.03
N LYS A 483 -32.05 22.80 13.93
CA LYS A 483 -33.13 22.19 13.16
C LYS A 483 -33.10 22.72 11.73
N HIS A 484 -33.32 21.81 10.79
CA HIS A 484 -33.44 22.14 9.37
C HIS A 484 -34.05 20.93 8.68
N SER A 485 -34.20 21.03 7.36
CA SER A 485 -34.62 19.89 6.57
C SER A 485 -33.53 18.83 6.57
N GLY A 486 -33.89 17.64 6.11
CA GLY A 486 -32.91 16.58 5.97
C GLY A 486 -32.23 16.53 4.62
N ARG A 487 -32.53 17.47 3.75
CA ARG A 487 -32.00 17.49 2.38
C ARG A 487 -31.01 18.62 2.25
N ILE A 488 -29.74 18.27 2.03
CA ILE A 488 -28.63 19.20 2.23
C ILE A 488 -27.60 18.96 1.12
N SER A 489 -26.78 19.98 0.86
CA SER A 489 -25.69 19.89 -0.10
C SER A 489 -24.52 20.73 0.41
N PHE A 490 -23.32 20.43 -0.09
CA PHE A 490 -22.11 20.97 0.50
C PHE A 490 -21.09 21.27 -0.60
N CYS A 491 -20.26 22.28 -0.36
CA CYS A 491 -19.18 22.66 -1.29
C CYS A 491 -18.06 23.26 -0.46
N SER A 492 -17.02 22.48 -0.20
CA SER A 492 -16.04 22.81 0.82
C SER A 492 -15.09 23.91 0.36
N GLN A 493 -14.38 24.48 1.33
CA GLN A 493 -13.33 25.46 1.03
C GLN A 493 -12.23 24.83 0.21
N PHE A 494 -11.84 23.61 0.56
CA PHE A 494 -10.79 22.89 -0.14
C PHE A 494 -11.45 21.88 -1.07
N SER A 495 -11.16 21.99 -2.36
CA SER A 495 -11.88 21.19 -3.34
C SER A 495 -11.50 19.72 -3.23
N TRP A 496 -12.40 18.87 -3.73
CA TRP A 496 -12.20 17.43 -3.71
C TRP A 496 -12.75 16.86 -5.01
N ILE A 497 -11.95 16.02 -5.67
CA ILE A 497 -12.27 15.54 -7.00
C ILE A 497 -12.00 14.04 -7.06
N MET A 498 -13.05 13.23 -7.13
CA MET A 498 -12.81 11.80 -7.21
C MET A 498 -12.48 11.41 -8.65
N PRO A 499 -11.56 10.46 -8.85
CA PRO A 499 -11.10 10.14 -10.21
C PRO A 499 -12.23 9.64 -11.08
N GLY A 500 -12.23 10.08 -12.32
CA GLY A 500 -13.29 9.72 -13.24
C GLY A 500 -13.49 10.83 -14.25
N THR A 501 -14.64 10.80 -14.92
CA THR A 501 -14.97 11.80 -15.91
C THR A 501 -15.65 12.99 -15.26
N ILE A 502 -15.48 14.16 -15.89
CA ILE A 502 -16.12 15.38 -15.40
C ILE A 502 -17.63 15.19 -15.33
N LYS A 503 -18.19 14.54 -16.33
CA LYS A 503 -19.63 14.27 -16.31
C LYS A 503 -20.01 13.46 -15.08
N GLU A 504 -19.34 12.33 -14.86
CA GLU A 504 -19.61 11.51 -13.68
C GLU A 504 -19.32 12.27 -12.40
N ASN A 505 -18.23 13.05 -12.40
CA ASN A 505 -17.85 13.77 -11.20
C ASN A 505 -18.87 14.84 -10.83
N ILE A 506 -19.58 15.39 -11.81
CA ILE A 506 -20.58 16.41 -11.50
C ILE A 506 -21.90 15.77 -11.13
N ILE A 507 -22.35 14.77 -11.88
CA ILE A 507 -23.62 14.11 -11.53
C ILE A 507 -23.52 13.46 -10.16
N PHE A 508 -22.44 12.72 -9.90
CA PHE A 508 -22.18 12.09 -8.62
C PHE A 508 -23.31 11.12 -8.26
N GLY A 509 -23.41 10.05 -9.05
CA GLY A 509 -24.32 8.95 -8.74
C GLY A 509 -25.79 9.31 -8.79
N VAL A 510 -26.23 10.02 -9.83
CA VAL A 510 -27.62 10.39 -10.02
C VAL A 510 -28.01 10.06 -11.45
N SER A 511 -29.27 9.67 -11.64
CA SER A 511 -29.80 9.52 -12.98
C SER A 511 -29.60 10.81 -13.76
N TYR A 512 -28.75 10.74 -14.79
CA TYR A 512 -28.35 11.93 -15.57
C TYR A 512 -29.58 12.53 -16.27
N ASP A 513 -29.53 13.85 -16.50
CA ASP A 513 -30.57 14.56 -17.23
C ASP A 513 -29.89 15.56 -18.15
N GLU A 514 -30.43 15.71 -19.36
CA GLU A 514 -29.83 16.70 -20.30
C GLU A 514 -30.09 18.10 -19.75
N TYR A 515 -31.35 18.44 -19.47
CA TYR A 515 -31.71 19.84 -19.28
C TYR A 515 -31.10 20.40 -18.00
N ARG A 516 -31.19 19.66 -16.89
CA ARG A 516 -30.63 20.15 -15.64
C ARG A 516 -29.12 20.30 -15.73
N TYR A 517 -28.45 19.31 -16.33
CA TYR A 517 -27.00 19.40 -16.48
C TYR A 517 -26.61 20.57 -17.37
N ARG A 518 -27.35 20.79 -18.46
CA ARG A 518 -27.03 21.90 -19.34
C ARG A 518 -27.26 23.24 -18.64
N SER A 519 -28.31 23.33 -17.83
CA SER A 519 -28.53 24.55 -17.05
C SER A 519 -27.38 24.78 -16.07
N VAL A 520 -26.90 23.72 -15.42
CA VAL A 520 -25.79 23.86 -14.49
C VAL A 520 -24.54 24.35 -15.21
N ILE A 521 -24.22 23.74 -16.34
CA ILE A 521 -23.07 24.20 -17.11
C ILE A 521 -23.28 25.61 -17.63
N LYS A 522 -24.52 26.04 -17.83
CA LYS A 522 -24.77 27.40 -18.26
C LYS A 522 -24.55 28.39 -17.12
N ALA A 523 -24.84 27.98 -15.89
CA ALA A 523 -24.67 28.89 -14.76
C ALA A 523 -23.20 29.12 -14.45
N CYS A 524 -22.49 28.05 -14.09
CA CYS A 524 -21.08 28.17 -13.69
C CYS A 524 -20.18 28.59 -14.84
N GLN A 525 -20.72 28.76 -16.04
CA GLN A 525 -19.98 29.16 -17.24
C GLN A 525 -18.70 28.34 -17.42
N LEU A 526 -18.88 27.02 -17.37
CA LEU A 526 -17.80 26.11 -17.69
C LEU A 526 -17.65 25.87 -19.18
N GLU A 527 -18.51 26.48 -20.01
CA GLU A 527 -18.61 26.09 -21.41
C GLU A 527 -17.30 26.33 -22.16
N GLU A 528 -16.71 27.51 -21.99
CA GLU A 528 -15.47 27.81 -22.71
C GLU A 528 -14.34 26.91 -22.24
N ASP A 529 -14.19 26.76 -20.92
CA ASP A 529 -13.13 25.91 -20.39
C ASP A 529 -13.34 24.46 -20.78
N ILE A 530 -14.58 23.97 -20.71
CA ILE A 530 -14.86 22.61 -21.14
C ILE A 530 -14.61 22.45 -22.64
N SER A 531 -14.74 23.53 -23.42
CA SER A 531 -14.40 23.46 -24.83
C SER A 531 -12.90 23.54 -25.06
N LYS A 532 -12.13 23.99 -24.08
CA LYS A 532 -10.70 24.09 -24.26
C LYS A 532 -10.01 22.73 -24.30
N PHE A 533 -10.59 21.72 -23.64
CA PHE A 533 -9.94 20.41 -23.61
C PHE A 533 -10.03 19.71 -24.96
N ALA A 534 -9.17 18.71 -25.13
CA ALA A 534 -9.21 17.88 -26.32
C ALA A 534 -10.54 17.14 -26.41
N GLU A 535 -10.81 16.26 -25.45
CA GLU A 535 -12.12 15.64 -25.33
C GLU A 535 -13.09 16.69 -24.78
N LYS A 536 -14.26 16.81 -25.43
CA LYS A 536 -15.14 17.92 -25.14
C LYS A 536 -15.65 17.92 -23.70
N ASP A 537 -16.44 16.93 -23.33
CA ASP A 537 -17.05 16.97 -22.01
C ASP A 537 -16.30 16.12 -21.00
N ASN A 538 -16.20 14.82 -21.25
CA ASN A 538 -15.68 13.89 -20.26
C ASN A 538 -14.22 13.55 -20.57
N ILE A 539 -13.35 13.82 -19.62
CA ILE A 539 -11.93 13.48 -19.71
C ILE A 539 -11.59 12.61 -18.50
N VAL A 540 -10.30 12.27 -18.39
CA VAL A 540 -9.82 11.44 -17.30
C VAL A 540 -9.15 12.33 -16.26
N LEU A 541 -9.58 12.20 -15.01
CA LEU A 541 -8.99 12.95 -13.90
C LEU A 541 -8.36 11.98 -12.93
N GLY A 542 -7.13 12.28 -12.51
CA GLY A 542 -6.46 11.44 -11.55
C GLY A 542 -7.01 11.63 -10.16
N GLU A 543 -6.35 10.98 -9.19
CA GLU A 543 -6.70 11.14 -7.79
C GLU A 543 -6.55 12.60 -7.38
N GLY A 544 -7.68 13.24 -7.03
CA GLY A 544 -7.65 14.65 -6.69
C GLY A 544 -7.67 15.56 -7.90
N GLY A 545 -7.11 15.09 -9.01
CA GLY A 545 -7.15 15.84 -10.25
C GLY A 545 -6.16 16.98 -10.33
N ILE A 546 -4.87 16.66 -10.27
CA ILE A 546 -3.84 17.64 -10.58
C ILE A 546 -3.94 18.08 -12.03
N THR A 547 -4.54 17.25 -12.88
CA THR A 547 -4.66 17.55 -14.30
C THR A 547 -5.38 18.87 -14.55
N LEU A 548 -6.24 19.31 -13.64
CA LEU A 548 -6.97 20.57 -13.80
C LEU A 548 -6.35 21.68 -12.97
N SER A 549 -6.76 22.90 -13.28
CA SER A 549 -6.27 24.09 -12.61
C SER A 549 -7.01 24.29 -11.28
N GLY A 550 -6.88 25.47 -10.69
CA GLY A 550 -7.59 25.78 -9.47
C GLY A 550 -8.99 26.30 -9.72
N GLY A 551 -9.11 27.24 -10.65
CA GLY A 551 -10.43 27.80 -10.94
C GLY A 551 -11.40 26.75 -11.46
N GLN A 552 -10.93 25.92 -12.40
CA GLN A 552 -11.80 24.87 -12.91
C GLN A 552 -12.19 23.89 -11.81
N ARG A 553 -11.26 23.59 -10.91
CA ARG A 553 -11.58 22.66 -9.81
C ARG A 553 -12.65 23.24 -8.90
N ALA A 554 -12.48 24.49 -8.48
CA ALA A 554 -13.48 25.11 -7.60
C ALA A 554 -14.82 25.21 -8.30
N ARG A 555 -14.83 25.56 -9.59
CA ARG A 555 -16.11 25.68 -10.28
C ARG A 555 -16.76 24.33 -10.54
N ILE A 556 -15.97 23.26 -10.71
CA ILE A 556 -16.53 21.92 -10.75
C ILE A 556 -17.21 21.60 -9.43
N SER A 557 -16.55 21.93 -8.32
CA SER A 557 -17.19 21.68 -7.03
C SER A 557 -18.49 22.44 -6.90
N LEU A 558 -18.49 23.72 -7.31
CA LEU A 558 -19.71 24.52 -7.20
C LEU A 558 -20.80 23.97 -8.10
N ALA A 559 -20.44 23.49 -9.28
CA ALA A 559 -21.42 22.87 -10.16
C ALA A 559 -22.02 21.63 -9.51
N ARG A 560 -21.18 20.84 -8.83
CA ARG A 560 -21.69 19.68 -8.12
C ARG A 560 -22.69 20.09 -7.05
N ALA A 561 -22.36 21.14 -6.30
CA ALA A 561 -23.26 21.57 -5.24
C ALA A 561 -24.57 22.13 -5.78
N VAL A 562 -24.53 22.73 -6.98
CA VAL A 562 -25.75 23.26 -7.56
C VAL A 562 -26.62 22.14 -8.14
N TYR A 563 -25.99 21.16 -8.79
CA TYR A 563 -26.75 20.13 -9.51
C TYR A 563 -27.68 19.36 -8.57
N LYS A 564 -27.13 18.84 -7.48
CA LYS A 564 -27.90 18.00 -6.58
C LYS A 564 -29.05 18.80 -5.97
N ASP A 565 -30.21 18.16 -5.83
CA ASP A 565 -31.43 18.82 -5.44
C ASP A 565 -31.70 18.57 -3.95
N ALA A 566 -31.97 19.65 -3.22
CA ALA A 566 -32.18 19.56 -1.79
C ALA A 566 -32.91 20.82 -1.33
N ASP A 567 -33.24 20.85 -0.03
CA ASP A 567 -33.93 21.98 0.56
C ASP A 567 -32.99 22.99 1.20
N LEU A 568 -31.76 22.61 1.47
CA LEU A 568 -30.78 23.48 2.11
C LEU A 568 -29.46 23.37 1.36
N TYR A 569 -28.73 24.47 1.27
CA TYR A 569 -27.46 24.53 0.54
C TYR A 569 -26.41 25.21 1.38
N LEU A 570 -25.25 24.59 1.49
CA LEU A 570 -24.12 25.15 2.23
C LEU A 570 -22.96 25.35 1.26
N LEU A 571 -22.93 26.49 0.60
CA LEU A 571 -21.82 26.89 -0.25
C LEU A 571 -20.78 27.54 0.65
N ASP A 572 -19.65 26.88 0.85
CA ASP A 572 -18.64 27.33 1.80
C ASP A 572 -17.54 28.02 0.99
N SER A 573 -17.66 29.34 0.88
CA SER A 573 -16.68 30.19 0.22
C SER A 573 -16.08 29.62 -1.07
N PRO A 574 -16.91 29.23 -2.03
CA PRO A 574 -16.36 28.77 -3.31
C PRO A 574 -15.87 29.90 -4.20
N PHE A 575 -15.98 31.14 -3.74
CA PHE A 575 -15.61 32.32 -4.51
C PHE A 575 -14.22 32.84 -4.17
N GLY A 576 -13.26 31.96 -3.94
CA GLY A 576 -11.91 32.39 -3.68
C GLY A 576 -10.96 32.31 -4.86
N TYR A 577 -10.91 31.15 -5.50
CA TYR A 577 -9.98 30.89 -6.59
C TYR A 577 -10.49 31.34 -7.94
N LEU A 578 -10.85 32.62 -8.09
CA LEU A 578 -11.38 33.13 -9.35
C LEU A 578 -11.03 34.60 -9.49
N ASP A 579 -11.10 35.08 -10.73
CA ASP A 579 -10.95 36.51 -11.00
C ASP A 579 -12.26 37.22 -10.67
N VAL A 580 -12.37 38.48 -11.08
CA VAL A 580 -13.49 39.30 -10.60
C VAL A 580 -14.65 39.27 -11.58
N LEU A 581 -14.37 39.34 -12.88
CA LEU A 581 -15.44 39.33 -13.87
C LEU A 581 -16.22 38.01 -13.81
N THR A 582 -15.48 36.90 -13.74
CA THR A 582 -16.14 35.60 -13.54
C THR A 582 -16.94 35.60 -12.24
N GLU A 583 -16.42 36.29 -11.21
CA GLU A 583 -17.13 36.33 -9.94
C GLU A 583 -18.50 36.97 -10.10
N LYS A 584 -18.53 38.16 -10.71
CA LYS A 584 -19.81 38.84 -10.88
C LYS A 584 -20.74 38.03 -11.77
N GLU A 585 -20.20 37.41 -12.82
CA GLU A 585 -21.07 36.67 -13.74
C GLU A 585 -21.68 35.46 -13.04
N ILE A 586 -20.87 34.65 -12.37
CA ILE A 586 -21.38 33.45 -11.73
C ILE A 586 -22.31 33.78 -10.57
N PHE A 587 -22.02 34.85 -9.82
CA PHE A 587 -22.83 35.15 -8.64
C PHE A 587 -24.17 35.77 -9.00
N GLU A 588 -24.31 36.35 -10.19
CA GLU A 588 -25.57 36.95 -10.60
C GLU A 588 -26.23 36.17 -11.73
N SER A 589 -25.89 34.89 -11.88
CA SER A 589 -26.57 34.03 -12.83
C SER A 589 -26.94 32.70 -12.20
N CYS A 590 -26.17 32.27 -11.20
CA CYS A 590 -26.39 30.99 -10.55
C CYS A 590 -26.98 31.13 -9.16
N VAL A 591 -26.31 31.86 -8.26
CA VAL A 591 -26.80 31.99 -6.90
C VAL A 591 -28.05 32.87 -6.87
N CYS A 592 -28.03 33.99 -7.59
CA CYS A 592 -29.14 34.92 -7.56
C CYS A 592 -30.23 34.65 -8.59
N LYS A 593 -29.92 33.91 -9.65
CA LYS A 593 -30.90 33.73 -10.73
C LYS A 593 -31.37 32.29 -10.89
N LEU A 594 -30.46 31.34 -11.08
CA LEU A 594 -30.87 29.96 -11.35
C LEU A 594 -31.60 29.38 -10.14
N MET A 595 -30.99 29.43 -8.97
CA MET A 595 -31.59 28.94 -7.73
C MET A 595 -31.98 30.15 -6.90
N ALA A 596 -33.21 30.62 -7.13
CA ALA A 596 -33.72 31.83 -6.49
C ALA A 596 -34.79 31.55 -5.46
N ASN A 597 -35.03 30.27 -5.12
CA ASN A 597 -36.06 29.92 -4.16
C ASN A 597 -35.58 28.98 -3.06
N LYS A 598 -34.39 28.41 -3.18
CA LYS A 598 -33.94 27.36 -2.28
C LYS A 598 -32.84 27.89 -1.38
N THR A 599 -32.95 27.59 -0.08
CA THR A 599 -32.13 28.21 0.94
C THR A 599 -30.65 27.97 0.68
N ARG A 600 -29.84 29.02 0.88
CA ARG A 600 -28.43 29.01 0.50
C ARG A 600 -27.62 29.74 1.57
N ILE A 601 -26.63 29.05 2.14
CA ILE A 601 -25.71 29.68 3.08
C ILE A 601 -24.44 30.07 2.33
N LEU A 602 -24.00 31.30 2.52
CA LEU A 602 -22.96 31.88 1.69
C LEU A 602 -21.87 32.47 2.56
N VAL A 603 -20.62 32.15 2.24
CA VAL A 603 -19.47 32.62 3.01
C VAL A 603 -18.65 33.51 2.09
N THR A 604 -18.71 34.82 2.31
CA THR A 604 -18.08 35.77 1.40
C THR A 604 -17.24 36.78 2.19
N SER A 605 -16.42 37.51 1.45
CA SER A 605 -15.61 38.60 1.98
C SER A 605 -15.59 39.77 0.99
N LYS A 606 -16.74 40.07 0.41
CA LYS A 606 -16.87 41.20 -0.52
C LYS A 606 -18.16 41.93 -0.21
N MET A 607 -18.09 43.26 -0.12
CA MET A 607 -19.26 44.05 0.25
C MET A 607 -20.39 43.91 -0.76
N GLU A 608 -20.08 43.56 -2.01
CA GLU A 608 -21.14 43.40 -3.00
C GLU A 608 -22.10 42.30 -2.59
N HIS A 609 -21.57 41.17 -2.11
CA HIS A 609 -22.41 40.07 -1.67
C HIS A 609 -23.32 40.51 -0.53
N LEU A 610 -22.75 41.17 0.47
CA LEU A 610 -23.54 41.61 1.61
C LEU A 610 -24.60 42.62 1.20
N LYS A 611 -24.28 43.49 0.23
CA LYS A 611 -25.29 44.38 -0.33
C LYS A 611 -26.43 43.56 -0.95
N LYS A 612 -26.09 42.54 -1.73
CA LYS A 612 -27.11 41.63 -2.22
C LYS A 612 -27.69 40.76 -1.13
N ALA A 613 -26.93 40.51 -0.06
CA ALA A 613 -27.33 39.57 0.96
C ALA A 613 -28.63 39.99 1.63
N ASP A 614 -29.36 39.01 2.15
CA ASP A 614 -30.68 39.27 2.73
C ASP A 614 -30.61 39.39 4.25
N LYS A 615 -29.74 38.61 4.88
CA LYS A 615 -29.37 38.79 6.28
C LYS A 615 -27.87 38.65 6.42
N ILE A 616 -27.30 39.27 7.45
CA ILE A 616 -25.86 39.29 7.64
C ILE A 616 -25.54 38.87 9.07
N LEU A 617 -24.53 38.01 9.20
CA LEU A 617 -24.00 37.60 10.50
C LEU A 617 -22.49 37.70 10.37
N ILE A 618 -21.90 38.71 11.01
CA ILE A 618 -20.47 38.95 10.95
C ILE A 618 -19.86 38.39 12.24
N LEU A 619 -19.08 37.31 12.08
CA LEU A 619 -18.34 36.69 13.16
C LEU A 619 -17.02 37.42 13.38
N HIS A 620 -16.47 37.26 14.59
CA HIS A 620 -15.14 37.76 14.90
C HIS A 620 -14.64 37.04 16.14
N GLU A 621 -13.60 36.22 15.97
CA GLU A 621 -13.01 35.43 17.05
C GLU A 621 -14.07 34.64 17.80
N GLY A 622 -14.73 33.75 17.07
CA GLY A 622 -15.69 32.83 17.67
C GLY A 622 -16.87 33.49 18.33
N SER A 623 -17.14 34.75 18.01
CA SER A 623 -18.23 35.48 18.64
C SER A 623 -19.13 36.08 17.57
N SER A 624 -20.44 36.05 17.82
CA SER A 624 -21.38 36.67 16.89
C SER A 624 -21.30 38.18 17.05
N TYR A 625 -20.29 38.79 16.41
CA TYR A 625 -20.02 40.20 16.65
C TYR A 625 -21.14 41.09 16.11
N PHE A 626 -21.79 40.68 15.04
CA PHE A 626 -22.90 41.47 14.52
C PHE A 626 -23.91 40.54 13.86
N TYR A 627 -25.19 40.78 14.10
CA TYR A 627 -26.24 40.09 13.36
C TYR A 627 -27.30 41.12 12.98
N GLY A 628 -27.85 40.97 11.79
CA GLY A 628 -28.98 41.80 11.42
C GLY A 628 -29.15 41.88 9.91
N THR A 629 -29.52 43.08 9.45
CA THR A 629 -29.81 43.35 8.05
C THR A 629 -28.98 44.54 7.59
N PHE A 630 -28.64 44.54 6.30
CA PHE A 630 -27.66 45.50 5.79
C PHE A 630 -28.12 46.93 6.00
N SER A 631 -29.43 47.19 5.93
CA SER A 631 -29.93 48.51 6.26
C SER A 631 -29.61 48.87 7.71
N GLU A 632 -29.78 47.91 8.62
CA GLU A 632 -29.40 48.14 10.00
C GLU A 632 -27.90 48.36 10.10
N LEU A 633 -27.11 47.69 9.26
CA LEU A 633 -25.67 47.94 9.25
C LEU A 633 -25.34 49.37 8.85
N GLN A 634 -26.02 49.90 7.83
CA GLN A 634 -25.84 51.30 7.48
C GLN A 634 -26.25 52.20 8.64
N ASN A 635 -27.36 51.87 9.31
CA ASN A 635 -27.82 52.71 10.40
C ASN A 635 -26.87 52.70 11.59
N LEU A 636 -26.23 51.57 11.87
CA LEU A 636 -25.38 51.45 13.05
C LEU A 636 -24.10 52.25 12.88
N GLN A 637 -23.49 52.17 11.71
CA GLN A 637 -22.23 52.88 11.45
C GLN A 637 -21.97 52.99 9.95
N THR A 845 14.36 -12.57 -17.29
CA THR A 845 14.18 -12.38 -15.84
C THR A 845 15.46 -12.68 -15.08
N TRP A 846 16.33 -13.49 -15.67
CA TRP A 846 17.57 -13.85 -14.99
C TRP A 846 18.56 -12.68 -14.91
N ASN A 847 18.23 -11.54 -15.51
CA ASN A 847 19.01 -10.34 -15.29
C ASN A 847 18.76 -9.80 -13.88
N THR A 848 17.52 -9.84 -13.41
CA THR A 848 17.22 -9.41 -12.06
C THR A 848 17.89 -10.33 -11.03
N TYR A 849 17.94 -11.63 -11.31
CA TYR A 849 18.65 -12.56 -10.45
C TYR A 849 20.10 -12.15 -10.25
N LEU A 850 20.72 -11.52 -11.24
CA LEU A 850 22.07 -10.99 -11.10
C LEU A 850 22.10 -9.56 -10.57
N ARG A 851 21.17 -8.71 -11.02
CA ARG A 851 21.16 -7.34 -10.54
C ARG A 851 20.89 -7.27 -9.05
N TYR A 852 20.04 -8.16 -8.52
CA TYR A 852 19.82 -8.22 -7.08
C TYR A 852 21.11 -8.54 -6.35
N ILE A 853 21.86 -9.52 -6.82
CA ILE A 853 23.04 -10.00 -6.11
C ILE A 853 24.20 -9.04 -6.25
N THR A 854 24.53 -8.62 -7.47
CA THR A 854 25.72 -7.84 -7.71
C THR A 854 25.62 -6.41 -7.21
N VAL A 855 24.44 -5.97 -6.76
CA VAL A 855 24.29 -4.58 -6.34
C VAL A 855 25.15 -4.28 -5.11
N HIS A 856 25.46 -5.30 -4.32
CA HIS A 856 26.26 -5.11 -3.11
C HIS A 856 27.28 -6.24 -3.03
N LYS A 857 28.54 -5.87 -2.79
CA LYS A 857 29.63 -6.84 -2.84
C LYS A 857 29.59 -7.86 -1.70
N SER A 858 28.99 -7.49 -0.57
CA SER A 858 28.96 -8.39 0.58
C SER A 858 28.22 -9.68 0.25
N LEU A 859 27.18 -9.59 -0.58
CA LEU A 859 26.45 -10.79 -0.98
C LEU A 859 27.35 -11.75 -1.76
N ILE A 860 28.11 -11.23 -2.73
CA ILE A 860 28.99 -12.11 -3.49
C ILE A 860 30.05 -12.71 -2.58
N PHE A 861 30.61 -11.92 -1.67
CA PHE A 861 31.63 -12.47 -0.77
C PHE A 861 31.06 -13.59 0.09
N VAL A 862 29.88 -13.35 0.68
CA VAL A 862 29.28 -14.36 1.55
C VAL A 862 28.99 -15.63 0.77
N LEU A 863 28.40 -15.51 -0.42
CA LEU A 863 28.07 -16.70 -1.20
C LEU A 863 29.31 -17.47 -1.61
N ILE A 864 30.35 -16.77 -2.05
CA ILE A 864 31.56 -17.45 -2.48
C ILE A 864 32.20 -18.19 -1.31
N TRP A 865 32.30 -17.55 -0.16
CA TRP A 865 32.95 -18.20 0.98
C TRP A 865 32.11 -19.37 1.48
N CYS A 866 30.79 -19.23 1.44
CA CYS A 866 29.92 -20.35 1.82
C CYS A 866 30.09 -21.53 0.88
N LEU A 867 30.21 -21.27 -0.42
CA LEU A 867 30.47 -22.35 -1.35
C LEU A 867 31.80 -23.04 -1.06
N VAL A 868 32.82 -22.25 -0.73
CA VAL A 868 34.11 -22.84 -0.38
C VAL A 868 33.99 -23.74 0.85
N ILE A 869 33.28 -23.27 1.86
CA ILE A 869 33.10 -24.06 3.08
C ILE A 869 32.35 -25.35 2.77
N PHE A 870 31.33 -25.27 1.92
CA PHE A 870 30.61 -26.48 1.53
C PHE A 870 31.52 -27.45 0.79
N LEU A 871 32.40 -26.94 -0.07
CA LEU A 871 33.33 -27.82 -0.76
C LEU A 871 34.23 -28.55 0.23
N ALA A 872 34.72 -27.83 1.24
CA ALA A 872 35.52 -28.48 2.27
C ALA A 872 34.72 -29.56 2.99
N GLU A 873 33.46 -29.25 3.32
CA GLU A 873 32.62 -30.22 4.02
C GLU A 873 32.36 -31.46 3.18
N VAL A 874 32.10 -31.29 1.88
CA VAL A 874 31.86 -32.47 1.05
C VAL A 874 33.15 -33.26 0.87
N ALA A 875 34.31 -32.59 0.88
CA ALA A 875 35.56 -33.34 0.88
C ALA A 875 35.70 -34.19 2.14
N ALA A 876 35.33 -33.62 3.28
CA ALA A 876 35.37 -34.38 4.53
C ALA A 876 34.44 -35.59 4.47
N SER A 877 33.23 -35.38 3.94
CA SER A 877 32.31 -36.52 3.78
C SER A 877 32.90 -37.56 2.84
N LEU A 878 33.57 -37.11 1.78
CA LEU A 878 34.22 -38.03 0.85
C LEU A 878 35.25 -38.89 1.56
N VAL A 879 36.11 -38.26 2.38
CA VAL A 879 37.14 -39.05 3.05
C VAL A 879 36.52 -39.99 4.07
N VAL A 880 35.43 -39.58 4.73
CA VAL A 880 34.77 -40.45 5.70
C VAL A 880 34.24 -41.71 5.01
N LEU A 881 33.52 -41.52 3.90
CA LEU A 881 32.99 -42.68 3.19
C LEU A 881 34.09 -43.50 2.55
N TRP A 882 35.19 -42.87 2.14
CA TRP A 882 36.31 -43.62 1.60
C TRP A 882 36.91 -44.53 2.67
N LEU A 883 37.09 -44.01 3.89
CA LEU A 883 37.66 -44.82 4.96
C LEU A 883 36.70 -45.95 5.34
N LEU A 884 35.42 -45.64 5.49
CA LEU A 884 34.47 -46.66 5.95
C LEU A 884 34.19 -47.69 4.84
N GLY A 885 34.42 -47.33 3.59
CA GLY A 885 34.24 -48.29 2.51
C GLY A 885 35.26 -49.41 2.55
N ASN A 886 36.52 -49.09 2.83
CA ASN A 886 37.60 -50.06 2.85
C ASN A 886 37.85 -50.66 4.23
N THR A 887 36.83 -50.73 5.08
CA THR A 887 36.98 -51.33 6.38
C THR A 887 37.23 -52.84 6.24
N PRO A 888 38.06 -53.42 7.12
CA PRO A 888 38.36 -54.85 7.03
C PRO A 888 37.31 -55.76 7.66
N LEU A 889 36.14 -55.24 8.03
CA LEU A 889 35.08 -56.06 8.59
C LEU A 889 33.81 -55.93 7.76
N ASN A 900 31.90 -60.24 18.78
CA ASN A 900 32.42 -59.47 19.90
C ASN A 900 32.23 -57.97 19.67
N ASN A 901 32.48 -57.53 18.44
CA ASN A 901 32.33 -56.13 18.07
C ASN A 901 30.85 -55.82 17.87
N SER A 902 30.16 -55.62 18.99
CA SER A 902 28.72 -55.37 18.99
C SER A 902 28.37 -53.88 18.92
N TYR A 903 29.37 -53.00 18.75
CA TYR A 903 29.06 -51.58 18.64
C TYR A 903 28.18 -51.30 17.43
N ALA A 904 28.44 -51.98 16.31
CA ALA A 904 27.61 -51.85 15.11
C ALA A 904 27.66 -53.18 14.38
N VAL A 905 26.64 -54.01 14.60
CA VAL A 905 26.57 -55.32 13.95
C VAL A 905 26.37 -55.07 12.45
N ILE A 906 27.40 -55.37 11.67
CA ILE A 906 27.45 -55.03 10.26
C ILE A 906 27.91 -56.25 9.48
N ILE A 907 27.24 -56.54 8.37
CA ILE A 907 27.53 -57.72 7.56
C ILE A 907 27.75 -57.27 6.12
N THR A 908 28.58 -58.02 5.38
CA THR A 908 28.95 -57.62 4.03
C THR A 908 27.74 -57.51 3.10
N SER A 909 26.74 -58.38 3.28
CA SER A 909 25.57 -58.34 2.42
C SER A 909 24.74 -57.08 2.66
N THR A 910 24.85 -56.50 3.86
CA THR A 910 24.07 -55.31 4.19
C THR A 910 24.91 -54.04 4.05
N SER A 911 26.15 -54.08 4.52
CA SER A 911 26.99 -52.89 4.66
C SER A 911 27.01 -52.05 3.40
N SER A 912 27.41 -52.66 2.28
CA SER A 912 27.76 -51.90 1.09
C SER A 912 26.60 -51.09 0.55
N TYR A 913 25.37 -51.41 0.93
CA TYR A 913 24.22 -50.65 0.48
C TYR A 913 23.38 -50.10 1.62
N TYR A 914 23.79 -50.29 2.87
CA TYR A 914 23.15 -49.60 3.99
C TYR A 914 23.95 -48.43 4.52
N VAL A 915 25.28 -48.47 4.44
CA VAL A 915 26.07 -47.32 4.88
C VAL A 915 25.73 -46.09 4.07
N PHE A 916 25.59 -46.26 2.74
CA PHE A 916 25.28 -45.12 1.88
C PHE A 916 23.90 -44.57 2.17
N TYR A 917 22.92 -45.45 2.36
CA TYR A 917 21.57 -45.01 2.72
C TYR A 917 21.57 -44.26 4.04
N ILE A 918 22.29 -44.77 5.03
CA ILE A 918 22.24 -44.13 6.34
C ILE A 918 22.96 -42.80 6.31
N TYR A 919 24.01 -42.69 5.49
CA TYR A 919 24.64 -41.39 5.33
C TYR A 919 23.69 -40.40 4.65
N VAL A 920 23.01 -40.83 3.59
CA VAL A 920 22.14 -39.89 2.89
C VAL A 920 20.97 -39.50 3.77
N GLY A 921 20.60 -40.34 4.74
CA GLY A 921 19.57 -39.96 5.68
C GLY A 921 19.99 -38.86 6.63
N VAL A 922 21.29 -38.68 6.85
CA VAL A 922 21.80 -37.63 7.73
C VAL A 922 22.54 -36.55 6.96
N ALA A 923 22.30 -36.46 5.65
CA ALA A 923 22.99 -35.46 4.85
C ALA A 923 22.62 -34.05 5.28
N ASP A 924 21.35 -33.82 5.60
CA ASP A 924 20.87 -32.48 5.88
C ASP A 924 21.43 -31.89 7.16
N THR A 925 22.09 -32.68 8.00
CA THR A 925 22.78 -32.12 9.16
C THR A 925 24.22 -31.75 8.84
N LEU A 926 24.97 -32.68 8.26
CA LEU A 926 26.37 -32.42 7.95
C LEU A 926 26.51 -31.31 6.91
N LEU A 927 25.49 -31.12 6.08
CA LEU A 927 25.50 -30.03 5.10
C LEU A 927 24.66 -28.84 5.53
N ALA A 928 24.29 -28.76 6.80
CA ALA A 928 23.45 -27.66 7.27
C ALA A 928 24.27 -26.37 7.38
N MET A 929 23.61 -25.33 7.87
CA MET A 929 24.25 -24.02 8.06
C MET A 929 24.31 -23.72 9.55
N GLY A 930 25.51 -23.43 10.04
CA GLY A 930 25.71 -23.06 11.42
C GLY A 930 25.48 -21.58 11.64
N PHE A 931 25.74 -21.16 12.89
CA PHE A 931 25.66 -19.75 13.25
C PHE A 931 26.94 -19.00 12.90
N PHE A 932 27.78 -19.63 12.06
CA PHE A 932 28.98 -18.94 11.53
C PHE A 932 28.85 -18.75 10.02
N ARG A 933 28.03 -19.60 9.37
CA ARG A 933 27.86 -19.48 7.93
C ARG A 933 26.60 -18.75 7.53
N GLY A 934 25.57 -18.74 8.37
CA GLY A 934 24.27 -18.23 7.99
C GLY A 934 24.03 -16.77 8.31
N LEU A 935 24.40 -16.34 9.51
CA LEU A 935 24.17 -14.96 9.93
C LEU A 935 24.70 -13.91 8.96
N PRO A 936 25.92 -14.03 8.42
CA PRO A 936 26.34 -13.02 7.43
C PRO A 936 25.43 -12.95 6.23
N LEU A 937 24.86 -14.08 5.79
CA LEU A 937 23.97 -14.05 4.65
C LEU A 937 22.72 -13.22 4.94
N VAL A 938 22.08 -13.47 6.09
CA VAL A 938 20.87 -12.72 6.43
C VAL A 938 21.20 -11.24 6.62
N HIS A 939 22.29 -10.94 7.32
CA HIS A 939 22.67 -9.54 7.50
C HIS A 939 22.91 -8.85 6.16
N THR A 940 23.61 -9.51 5.26
CA THR A 940 23.88 -8.90 3.96
C THR A 940 22.61 -8.72 3.16
N LEU A 941 21.68 -9.68 3.24
CA LEU A 941 20.41 -9.53 2.54
C LEU A 941 19.64 -8.31 3.03
N ILE A 942 19.60 -8.10 4.35
CA ILE A 942 18.88 -6.95 4.86
C ILE A 942 19.57 -5.66 4.42
N THR A 943 20.91 -5.64 4.45
CA THR A 943 21.63 -4.46 3.96
C THR A 943 21.29 -4.17 2.50
N VAL A 944 21.21 -5.22 1.68
CA VAL A 944 20.90 -5.01 0.27
C VAL A 944 19.48 -4.45 0.12
N SER A 945 18.54 -4.95 0.93
CA SER A 945 17.18 -4.41 0.86
C SER A 945 17.16 -2.92 1.20
N LYS A 946 17.93 -2.51 2.21
CA LYS A 946 18.01 -1.08 2.54
C LYS A 946 18.55 -0.28 1.36
N ILE A 947 19.66 -0.73 0.79
CA ILE A 947 20.25 0.01 -0.33
C ILE A 947 19.25 0.12 -1.48
N LEU A 948 18.52 -0.97 -1.73
CA LEU A 948 17.56 -0.96 -2.82
C LEU A 948 16.46 0.07 -2.58
N HIS A 949 15.92 0.11 -1.35
CA HIS A 949 14.89 1.09 -1.06
C HIS A 949 15.42 2.51 -1.21
N HIS A 950 16.61 2.78 -0.70
CA HIS A 950 17.15 4.14 -0.77
C HIS A 950 17.31 4.57 -2.21
N LYS A 951 17.85 3.68 -3.05
CA LYS A 951 18.00 4.00 -4.46
C LYS A 951 16.64 4.24 -5.12
N MET A 952 15.65 3.42 -4.79
CA MET A 952 14.33 3.56 -5.40
C MET A 952 13.72 4.91 -5.07
N LEU A 953 13.80 5.32 -3.81
CA LEU A 953 13.25 6.61 -3.43
C LEU A 953 13.99 7.74 -4.12
N HIS A 954 15.33 7.68 -4.12
CA HIS A 954 16.08 8.77 -4.73
C HIS A 954 15.86 8.85 -6.23
N SER A 955 15.45 7.76 -6.87
CA SER A 955 15.12 7.83 -8.28
C SER A 955 13.68 8.25 -8.53
N VAL A 956 12.77 7.98 -7.59
CA VAL A 956 11.41 8.46 -7.77
C VAL A 956 11.34 9.97 -7.59
N LEU A 957 12.01 10.51 -6.57
CA LEU A 957 11.81 11.92 -6.23
C LEU A 957 12.27 12.85 -7.34
N GLN A 958 13.47 12.63 -7.86
CA GLN A 958 14.03 13.55 -8.85
C GLN A 958 13.57 13.26 -10.28
N ALA A 959 12.58 12.40 -10.45
CA ALA A 959 12.07 12.08 -11.77
C ALA A 959 11.39 13.29 -12.40
N PRO A 960 11.38 13.38 -13.73
CA PRO A 960 10.68 14.49 -14.39
C PRO A 960 9.18 14.42 -14.17
N MET A 961 8.55 15.59 -14.16
CA MET A 961 7.14 15.67 -13.79
C MET A 961 6.23 15.08 -14.86
N SER A 962 6.63 15.15 -16.14
CA SER A 962 5.78 14.60 -17.19
C SER A 962 5.54 13.12 -16.99
N THR A 963 6.55 12.37 -16.55
CA THR A 963 6.37 10.97 -16.23
C THR A 963 5.57 10.78 -14.95
N LEU A 964 5.87 11.57 -13.93
CA LEU A 964 5.24 11.38 -12.62
C LEU A 964 3.74 11.63 -12.67
N ASN A 965 3.29 12.59 -13.47
CA ASN A 965 1.87 12.90 -13.50
C ASN A 965 1.02 11.73 -14.00
N THR A 966 1.60 10.82 -14.79
CA THR A 966 0.82 9.73 -15.34
C THR A 966 0.44 8.71 -14.28
N LEU A 967 1.37 8.37 -13.40
CA LEU A 967 1.15 7.37 -12.37
C LEU A 967 0.29 7.91 -11.23
N LYS A 968 -0.51 7.01 -10.65
CA LYS A 968 -1.51 7.36 -9.64
C LYS A 968 -0.85 7.51 -8.27
N ALA A 969 -1.67 7.57 -7.22
CA ALA A 969 -1.16 7.54 -5.86
C ALA A 969 -1.09 6.13 -5.30
N GLY A 970 -2.06 5.29 -5.67
CA GLY A 970 -1.98 3.89 -5.30
C GLY A 970 -0.74 3.21 -5.83
N GLY A 971 -0.29 3.61 -7.03
CA GLY A 971 0.91 3.03 -7.61
C GLY A 971 2.18 3.36 -6.88
N ILE A 972 2.13 4.26 -5.90
CA ILE A 972 3.26 4.53 -5.02
C ILE A 972 3.02 3.99 -3.62
N LEU A 973 1.80 4.12 -3.10
CA LEU A 973 1.52 3.55 -1.79
C LEU A 973 1.70 2.04 -1.80
N ASN A 974 1.12 1.36 -2.79
CA ASN A 974 1.26 -0.08 -2.92
C ASN A 974 2.73 -0.48 -2.94
N ARG A 975 3.52 0.15 -3.79
CA ARG A 975 4.92 -0.20 -3.86
C ARG A 975 5.61 0.05 -2.53
N PHE A 976 5.63 1.29 -2.07
CA PHE A 976 6.40 1.64 -0.88
C PHE A 976 5.96 0.89 0.36
N SER A 977 4.77 0.30 0.37
CA SER A 977 4.39 -0.56 1.50
C SER A 977 4.71 -2.02 1.24
N LYS A 978 4.05 -2.64 0.26
CA LYS A 978 4.15 -4.07 0.06
C LYS A 978 5.49 -4.50 -0.51
N ASP A 979 6.01 -3.78 -1.51
CA ASP A 979 7.21 -4.18 -2.20
C ASP A 979 8.47 -3.83 -1.42
N ILE A 980 8.33 -3.42 -0.16
CA ILE A 980 9.48 -3.25 0.70
C ILE A 980 9.23 -4.09 1.96
N ALA A 981 7.96 -4.30 2.31
CA ALA A 981 7.67 -5.28 3.34
C ALA A 981 8.13 -6.67 2.92
N ILE A 982 7.89 -7.03 1.66
CA ILE A 982 8.37 -8.32 1.17
C ILE A 982 9.89 -8.37 1.18
N LEU A 983 10.54 -7.32 0.68
CA LEU A 983 11.99 -7.32 0.62
C LEU A 983 12.65 -7.20 1.99
N ASP A 984 11.89 -6.93 3.04
CA ASP A 984 12.44 -6.89 4.39
C ASP A 984 12.14 -8.11 5.22
N ASP A 985 10.98 -8.74 5.03
CA ASP A 985 10.51 -9.81 5.91
C ASP A 985 10.67 -11.19 5.29
N LEU A 986 10.09 -11.42 4.12
CA LEU A 986 9.95 -12.78 3.61
C LEU A 986 11.15 -13.25 2.81
N LEU A 987 11.66 -12.41 1.91
CA LEU A 987 12.75 -12.83 1.05
C LEU A 987 13.98 -13.28 1.82
N PRO A 988 14.52 -12.50 2.78
CA PRO A 988 15.78 -12.90 3.41
C PRO A 988 15.74 -14.23 4.13
N LEU A 989 14.57 -14.85 4.25
CA LEU A 989 14.46 -16.21 4.78
C LEU A 989 14.09 -17.23 3.72
N THR A 990 13.18 -16.88 2.81
CA THR A 990 12.80 -17.85 1.79
C THR A 990 13.97 -18.14 0.84
N ILE A 991 14.72 -17.11 0.45
CA ILE A 991 15.87 -17.36 -0.42
C ILE A 991 16.91 -18.19 0.33
N PHE A 992 17.05 -17.96 1.64
CA PHE A 992 17.98 -18.77 2.42
C PHE A 992 17.57 -20.23 2.41
N ASP A 993 16.28 -20.50 2.60
CA ASP A 993 15.81 -21.89 2.57
C ASP A 993 16.07 -22.52 1.20
N PHE A 994 15.84 -21.75 0.14
CA PHE A 994 16.14 -22.27 -1.19
C PHE A 994 17.62 -22.59 -1.36
N ILE A 995 18.48 -21.68 -0.92
CA ILE A 995 19.91 -21.93 -1.02
C ILE A 995 20.27 -23.21 -0.27
N GLN A 996 19.68 -23.40 0.91
CA GLN A 996 20.00 -24.57 1.71
C GLN A 996 19.58 -25.86 1.01
N LEU A 997 18.35 -25.90 0.51
CA LEU A 997 17.87 -27.13 -0.13
C LEU A 997 18.67 -27.45 -1.39
N LEU A 998 18.95 -26.43 -2.21
CA LEU A 998 19.78 -26.64 -3.38
C LEU A 998 21.14 -27.17 -2.98
N LEU A 999 21.75 -26.58 -1.96
CA LEU A 999 23.09 -26.96 -1.55
C LEU A 999 23.12 -28.40 -1.07
N ILE A 1000 22.12 -28.79 -0.25
CA ILE A 1000 22.07 -30.14 0.29
C ILE A 1000 21.91 -31.16 -0.84
N VAL A 1001 20.98 -30.90 -1.76
CA VAL A 1001 20.77 -31.85 -2.85
C VAL A 1001 22.04 -32.00 -3.67
N ILE A 1002 22.69 -30.88 -4.00
CA ILE A 1002 23.89 -30.95 -4.81
C ILE A 1002 24.98 -31.74 -4.11
N GLY A 1003 25.21 -31.48 -2.82
CA GLY A 1003 26.25 -32.19 -2.11
C GLY A 1003 25.99 -33.69 -2.02
N ALA A 1004 24.77 -34.07 -1.66
CA ALA A 1004 24.44 -35.49 -1.54
C ALA A 1004 24.61 -36.20 -2.87
N ILE A 1005 24.07 -35.60 -3.94
CA ILE A 1005 24.19 -36.24 -5.25
C ILE A 1005 25.64 -36.38 -5.66
N ALA A 1006 26.45 -35.32 -5.43
CA ALA A 1006 27.85 -35.37 -5.83
C ALA A 1006 28.58 -36.48 -5.11
N VAL A 1007 28.46 -36.57 -3.79
CA VAL A 1007 29.22 -37.56 -3.05
C VAL A 1007 28.76 -38.98 -3.39
N VAL A 1008 27.44 -39.19 -3.51
CA VAL A 1008 26.96 -40.54 -3.78
C VAL A 1008 27.35 -40.95 -5.20
N ALA A 1009 27.31 -40.02 -6.16
CA ALA A 1009 27.77 -40.33 -7.51
C ALA A 1009 29.24 -40.66 -7.52
N VAL A 1010 30.05 -39.95 -6.73
CA VAL A 1010 31.48 -40.25 -6.67
C VAL A 1010 31.70 -41.66 -6.17
N LEU A 1011 30.97 -42.07 -5.12
CA LEU A 1011 31.15 -43.43 -4.62
C LEU A 1011 30.40 -44.47 -5.45
N GLN A 1012 29.20 -44.16 -5.93
CA GLN A 1012 28.47 -45.04 -6.85
C GLN A 1012 28.14 -44.25 -8.09
N PRO A 1013 28.75 -44.54 -9.23
CA PRO A 1013 28.54 -43.70 -10.42
C PRO A 1013 27.12 -43.77 -10.96
N TYR A 1014 26.60 -45.00 -11.12
CA TYR A 1014 25.40 -45.18 -11.92
C TYR A 1014 24.19 -44.44 -11.36
N ILE A 1015 24.18 -44.15 -10.06
CA ILE A 1015 23.02 -43.45 -9.49
C ILE A 1015 22.81 -42.13 -10.20
N PHE A 1016 23.89 -41.48 -10.63
CA PHE A 1016 23.76 -40.25 -11.40
C PHE A 1016 22.86 -40.47 -12.61
N VAL A 1017 23.18 -41.48 -13.42
CA VAL A 1017 22.36 -41.80 -14.58
C VAL A 1017 20.98 -42.27 -14.13
N ALA A 1018 20.86 -42.78 -12.91
CA ALA A 1018 19.56 -43.15 -12.38
C ALA A 1018 18.72 -41.94 -12.00
N THR A 1019 19.34 -40.82 -11.64
CA THR A 1019 18.54 -39.66 -11.23
C THR A 1019 18.18 -38.74 -12.40
N VAL A 1020 19.12 -38.51 -13.30
CA VAL A 1020 19.00 -37.47 -14.33
C VAL A 1020 17.67 -37.53 -15.07
N PRO A 1021 17.15 -38.71 -15.45
CA PRO A 1021 15.82 -38.75 -16.08
C PRO A 1021 14.71 -38.17 -15.24
N VAL A 1022 14.96 -37.76 -14.00
CA VAL A 1022 13.95 -37.11 -13.19
C VAL A 1022 14.21 -35.62 -13.06
N ILE A 1023 15.46 -35.22 -12.80
CA ILE A 1023 15.78 -33.80 -12.67
C ILE A 1023 15.45 -33.05 -13.97
N VAL A 1024 15.87 -33.61 -15.11
CA VAL A 1024 15.51 -32.98 -16.37
C VAL A 1024 14.02 -33.06 -16.61
N ALA A 1025 13.33 -34.00 -15.96
CA ALA A 1025 11.87 -34.01 -15.98
C ALA A 1025 11.31 -32.89 -15.10
N PHE A 1026 12.01 -32.58 -14.00
CA PHE A 1026 11.54 -31.53 -13.10
C PHE A 1026 11.56 -30.18 -13.80
N ILE A 1027 12.74 -29.75 -14.25
CA ILE A 1027 12.90 -28.42 -14.81
C ILE A 1027 12.00 -28.22 -16.03
N MET A 1028 11.86 -29.26 -16.85
CA MET A 1028 10.99 -29.18 -18.02
C MET A 1028 9.59 -28.70 -17.63
N LEU A 1029 9.08 -29.17 -16.49
CA LEU A 1029 7.80 -28.67 -16.02
C LEU A 1029 7.91 -27.24 -15.54
N ARG A 1030 8.93 -26.95 -14.72
CA ARG A 1030 9.06 -25.62 -14.12
C ARG A 1030 9.13 -24.54 -15.19
N ALA A 1031 10.04 -24.70 -16.16
CA ALA A 1031 10.16 -23.72 -17.22
C ALA A 1031 8.87 -23.58 -18.01
N TYR A 1032 8.05 -24.62 -18.07
CA TYR A 1032 6.76 -24.49 -18.74
C TYR A 1032 5.78 -23.72 -17.86
N PHE A 1033 5.83 -23.94 -16.54
CA PHE A 1033 4.91 -23.26 -15.65
C PHE A 1033 5.15 -21.76 -15.60
N LEU A 1034 6.41 -21.40 -15.33
CA LEU A 1034 6.79 -20.02 -14.93
C LEU A 1034 6.21 -19.03 -15.95
N GLN A 1035 6.14 -19.43 -17.23
CA GLN A 1035 5.69 -18.48 -18.28
C GLN A 1035 4.29 -17.98 -17.93
N THR A 1036 3.41 -18.87 -17.44
CA THR A 1036 2.06 -18.41 -17.00
C THR A 1036 2.21 -17.47 -15.81
N SER A 1037 2.81 -17.95 -14.71
CA SER A 1037 2.84 -17.22 -13.44
C SER A 1037 3.74 -16.00 -13.54
N GLN A 1038 4.86 -16.13 -14.25
CA GLN A 1038 5.75 -14.99 -14.46
C GLN A 1038 5.02 -13.83 -15.10
N GLN A 1039 4.00 -14.09 -15.90
CA GLN A 1039 3.21 -13.02 -16.50
C GLN A 1039 1.94 -12.71 -15.72
N LEU A 1040 1.53 -13.61 -14.82
CA LEU A 1040 0.23 -13.45 -14.19
C LEU A 1040 0.36 -12.65 -12.90
N LYS A 1041 1.42 -12.91 -12.13
CA LYS A 1041 1.62 -12.21 -10.87
C LYS A 1041 1.53 -10.70 -11.06
N GLN A 1042 2.25 -10.16 -12.05
CA GLN A 1042 2.16 -8.75 -12.37
C GLN A 1042 0.71 -8.35 -12.63
N LEU A 1043 0.04 -9.09 -13.51
CA LEU A 1043 -1.35 -8.79 -13.85
C LEU A 1043 -2.25 -8.81 -12.63
N GLU A 1044 -1.86 -9.53 -11.58
CA GLU A 1044 -2.61 -9.48 -10.34
C GLU A 1044 -2.06 -8.40 -9.41
N SER A 1045 -0.73 -8.26 -9.35
CA SER A 1045 -0.13 -7.48 -8.29
C SER A 1045 -0.41 -5.99 -8.48
N GLU A 1046 -0.23 -5.49 -9.71
CA GLU A 1046 -0.64 -4.13 -10.00
C GLU A 1046 -2.12 -3.94 -9.72
N GLY A 1047 -2.91 -5.00 -9.89
CA GLY A 1047 -4.32 -4.96 -9.56
C GLY A 1047 -4.60 -4.60 -8.12
N ARG A 1048 -3.58 -4.63 -7.24
CA ARG A 1048 -3.78 -4.13 -5.89
C ARG A 1048 -4.14 -2.66 -5.86
N SER A 1049 -3.49 -1.85 -6.70
CA SER A 1049 -3.65 -0.40 -6.60
C SER A 1049 -5.10 0.08 -6.67
N PRO A 1050 -5.96 -0.44 -7.57
CA PRO A 1050 -7.36 0.01 -7.57
C PRO A 1050 -8.09 -0.16 -6.25
N ILE A 1051 -7.49 -0.91 -5.31
CA ILE A 1051 -7.99 -0.89 -3.94
C ILE A 1051 -7.51 0.36 -3.21
N PHE A 1052 -6.19 0.49 -3.07
CA PHE A 1052 -5.62 1.57 -2.27
C PHE A 1052 -6.01 2.93 -2.82
N THR A 1053 -5.89 3.13 -4.14
CA THR A 1053 -6.23 4.43 -4.70
C THR A 1053 -7.71 4.74 -4.58
N HIS A 1054 -8.54 3.75 -4.24
CA HIS A 1054 -9.93 4.08 -3.97
C HIS A 1054 -10.16 4.31 -2.48
N LEU A 1055 -9.32 3.71 -1.64
CA LEU A 1055 -9.49 3.91 -0.21
C LEU A 1055 -9.05 5.31 0.20
N VAL A 1056 -7.98 5.83 -0.41
CA VAL A 1056 -7.44 7.12 0.00
C VAL A 1056 -8.45 8.23 -0.26
N THR A 1057 -8.97 8.30 -1.50
CA THR A 1057 -9.85 9.40 -1.86
C THR A 1057 -11.08 9.44 -0.97
N SER A 1058 -11.78 8.31 -0.84
CA SER A 1058 -12.94 8.25 0.04
C SER A 1058 -12.58 8.70 1.45
N LEU A 1059 -11.37 8.37 1.91
CA LEU A 1059 -10.94 8.84 3.22
C LEU A 1059 -10.53 10.30 3.21
N LYS A 1060 -9.99 10.77 2.08
CA LYS A 1060 -9.41 12.14 2.02
C LYS A 1060 -10.57 13.13 2.02
N GLY A 1061 -11.54 12.85 1.16
CA GLY A 1061 -12.69 13.72 1.03
C GLY A 1061 -13.95 13.08 1.58
N LEU A 1062 -13.82 12.44 2.76
CA LEU A 1062 -14.97 11.80 3.38
C LEU A 1062 -16.10 12.78 3.63
N TRP A 1063 -15.77 14.06 3.82
CA TRP A 1063 -16.73 14.99 4.42
C TRP A 1063 -17.88 15.28 3.46
N THR A 1064 -17.56 15.64 2.22
CA THR A 1064 -18.62 15.84 1.23
C THR A 1064 -19.31 14.52 0.90
N LEU A 1065 -18.53 13.44 0.83
CA LEU A 1065 -19.09 12.13 0.50
C LEU A 1065 -20.23 11.78 1.44
N ARG A 1066 -20.02 11.94 2.74
CA ARG A 1066 -21.11 11.74 3.68
C ARG A 1066 -22.10 12.90 3.63
N ALA A 1067 -21.66 14.08 3.18
CA ALA A 1067 -22.57 15.22 3.13
C ALA A 1067 -23.75 14.96 2.21
N PHE A 1068 -23.51 14.60 0.96
CA PHE A 1068 -24.64 14.31 0.08
C PHE A 1068 -25.35 13.03 0.48
N GLY A 1069 -24.67 12.15 1.20
CA GLY A 1069 -25.27 10.88 1.54
C GLY A 1069 -25.20 9.92 0.39
N ARG A 1070 -23.99 9.66 -0.09
CA ARG A 1070 -23.77 8.78 -1.22
C ARG A 1070 -22.91 7.60 -0.82
N GLN A 1071 -23.16 7.06 0.38
CA GLN A 1071 -22.41 5.90 0.83
C GLN A 1071 -22.61 4.68 -0.07
N PRO A 1072 -23.84 4.27 -0.43
CA PRO A 1072 -24.00 3.04 -1.23
C PRO A 1072 -23.24 3.07 -2.54
N TYR A 1073 -23.19 4.23 -3.18
CA TYR A 1073 -22.49 4.35 -4.45
C TYR A 1073 -21.02 3.94 -4.30
N PHE A 1074 -20.34 4.52 -3.31
CA PHE A 1074 -18.95 4.16 -3.10
C PHE A 1074 -18.81 2.74 -2.56
N GLU A 1075 -19.82 2.24 -1.85
CA GLU A 1075 -19.80 0.84 -1.44
C GLU A 1075 -19.64 -0.07 -2.64
N THR A 1076 -20.52 0.12 -3.63
CA THR A 1076 -20.45 -0.71 -4.83
C THR A 1076 -19.18 -0.43 -5.63
N LEU A 1077 -18.76 0.84 -5.68
CA LEU A 1077 -17.57 1.16 -6.45
C LEU A 1077 -16.30 0.61 -5.81
N PHE A 1078 -16.33 0.28 -4.52
CA PHE A 1078 -15.21 -0.42 -3.91
C PHE A 1078 -15.31 -1.91 -4.11
N HIS A 1079 -16.52 -2.46 -3.99
CA HIS A 1079 -16.72 -3.88 -4.22
C HIS A 1079 -16.27 -4.28 -5.63
N LYS A 1080 -16.44 -3.39 -6.61
CA LYS A 1080 -16.00 -3.71 -7.95
C LYS A 1080 -14.49 -3.94 -8.02
N ALA A 1081 -13.72 -3.05 -7.40
CA ALA A 1081 -12.27 -3.21 -7.42
C ALA A 1081 -11.85 -4.46 -6.64
N LEU A 1082 -12.55 -4.75 -5.54
CA LEU A 1082 -12.25 -5.97 -4.79
C LEU A 1082 -12.47 -7.21 -5.64
N ASN A 1083 -13.59 -7.25 -6.37
CA ASN A 1083 -13.85 -8.39 -7.23
C ASN A 1083 -12.81 -8.50 -8.33
N LEU A 1084 -12.32 -7.37 -8.85
CA LEU A 1084 -11.23 -7.42 -9.83
C LEU A 1084 -10.00 -8.10 -9.24
N HIS A 1085 -9.55 -7.63 -8.07
CA HIS A 1085 -8.35 -8.23 -7.49
C HIS A 1085 -8.57 -9.71 -7.18
N THR A 1086 -9.79 -10.09 -6.82
CA THR A 1086 -10.08 -11.50 -6.60
C THR A 1086 -9.98 -12.30 -7.89
N ALA A 1087 -10.57 -11.78 -8.97
CA ALA A 1087 -10.51 -12.47 -10.25
C ALA A 1087 -9.08 -12.71 -10.69
N ASN A 1088 -8.15 -11.88 -10.23
CA ASN A 1088 -6.75 -12.17 -10.52
C ASN A 1088 -6.18 -13.21 -9.53
N TRP A 1089 -6.23 -12.90 -8.24
CA TRP A 1089 -5.50 -13.67 -7.24
C TRP A 1089 -6.01 -15.10 -7.15
N PHE A 1090 -7.32 -15.29 -7.21
CA PHE A 1090 -7.89 -16.62 -7.10
C PHE A 1090 -7.38 -17.54 -8.19
N LEU A 1091 -7.37 -17.06 -9.43
CA LEU A 1091 -6.93 -17.91 -10.52
C LEU A 1091 -5.42 -18.16 -10.42
N TYR A 1092 -4.66 -17.18 -9.94
CA TYR A 1092 -3.24 -17.44 -9.72
C TYR A 1092 -3.04 -18.57 -8.71
N LEU A 1093 -3.80 -18.55 -7.62
CA LEU A 1093 -3.69 -19.59 -6.62
C LEU A 1093 -4.11 -20.95 -7.16
N SER A 1094 -5.19 -20.98 -7.95
CA SER A 1094 -5.66 -22.22 -8.55
C SER A 1094 -4.72 -22.73 -9.63
N THR A 1095 -3.79 -21.91 -10.11
CA THR A 1095 -2.74 -22.43 -10.98
C THR A 1095 -1.56 -22.97 -10.18
N LEU A 1096 -1.18 -22.28 -9.11
CA LEU A 1096 -0.08 -22.80 -8.28
C LEU A 1096 -0.42 -24.15 -7.68
N ARG A 1097 -1.65 -24.31 -7.18
CA ARG A 1097 -2.02 -25.59 -6.58
C ARG A 1097 -2.03 -26.69 -7.64
N TRP A 1098 -2.41 -26.35 -8.86
CA TRP A 1098 -2.31 -27.30 -9.97
C TRP A 1098 -0.87 -27.73 -10.20
N PHE A 1099 0.07 -26.79 -10.12
CA PHE A 1099 1.44 -27.18 -10.40
C PHE A 1099 1.99 -28.06 -9.28
N GLN A 1100 1.53 -27.83 -8.05
CA GLN A 1100 1.82 -28.81 -6.99
C GLN A 1100 1.27 -30.19 -7.33
N MET A 1101 0.01 -30.28 -7.77
CA MET A 1101 -0.52 -31.55 -8.22
C MET A 1101 0.40 -32.21 -9.25
N ARG A 1102 0.79 -31.46 -10.27
CA ARG A 1102 1.54 -32.06 -11.38
C ARG A 1102 2.93 -32.49 -10.93
N ILE A 1103 3.59 -31.67 -10.09
CA ILE A 1103 4.95 -32.00 -9.68
C ILE A 1103 4.93 -33.26 -8.82
N GLU A 1104 3.97 -33.35 -7.89
CA GLU A 1104 3.96 -34.51 -7.02
C GLU A 1104 3.48 -35.74 -7.77
N MET A 1105 2.66 -35.58 -8.81
CA MET A 1105 2.29 -36.75 -9.61
C MET A 1105 3.44 -37.24 -10.47
N ILE A 1106 4.27 -36.32 -10.97
CA ILE A 1106 5.50 -36.75 -11.65
C ILE A 1106 6.35 -37.59 -10.70
N PHE A 1107 6.53 -37.08 -9.48
CA PHE A 1107 7.34 -37.83 -8.52
C PHE A 1107 6.71 -39.19 -8.21
N VAL A 1108 5.39 -39.24 -8.05
CA VAL A 1108 4.74 -40.49 -7.68
C VAL A 1108 4.82 -41.51 -8.80
N ILE A 1109 4.64 -41.07 -10.05
CA ILE A 1109 4.75 -42.00 -11.17
C ILE A 1109 6.16 -42.55 -11.26
N PHE A 1110 7.17 -41.68 -11.15
CA PHE A 1110 8.54 -42.17 -11.16
C PHE A 1110 8.78 -43.15 -10.03
N PHE A 1111 8.21 -42.88 -8.85
CA PHE A 1111 8.48 -43.69 -7.68
C PHE A 1111 7.82 -45.07 -7.82
N ILE A 1112 6.60 -45.10 -8.34
CA ILE A 1112 5.91 -46.37 -8.55
C ILE A 1112 6.66 -47.20 -9.57
N ALA A 1113 7.10 -46.58 -10.67
CA ALA A 1113 7.88 -47.31 -11.65
C ALA A 1113 9.15 -47.87 -11.05
N VAL A 1114 9.84 -47.07 -10.23
CA VAL A 1114 11.10 -47.50 -9.61
C VAL A 1114 10.87 -48.69 -8.68
N THR A 1115 9.85 -48.61 -7.82
CA THR A 1115 9.64 -49.69 -6.88
C THR A 1115 9.23 -50.97 -7.60
N PHE A 1116 8.42 -50.83 -8.65
CA PHE A 1116 7.97 -52.03 -9.42
C PHE A 1116 9.17 -52.67 -10.12
N ILE A 1117 9.96 -51.88 -10.84
CA ILE A 1117 11.09 -52.47 -11.63
C ILE A 1117 12.08 -53.12 -10.67
N SER A 1118 12.38 -52.47 -9.55
CA SER A 1118 13.43 -52.92 -8.60
C SER A 1118 13.02 -54.20 -7.88
N ILE A 1119 11.88 -54.18 -7.18
CA ILE A 1119 11.47 -55.37 -6.37
C ILE A 1119 11.27 -56.58 -7.30
N LEU A 1120 10.68 -56.37 -8.47
CA LEU A 1120 10.42 -57.49 -9.43
C LEU A 1120 11.76 -58.09 -9.85
N THR A 1121 12.74 -57.23 -10.14
CA THR A 1121 14.04 -57.68 -10.72
C THR A 1121 14.96 -58.18 -9.61
N THR A 1122 14.46 -58.27 -8.37
CA THR A 1122 15.28 -58.83 -7.27
C THR A 1122 15.59 -60.29 -7.60
N GLY A 1123 16.85 -60.72 -7.42
CA GLY A 1123 17.24 -62.09 -7.78
C GLY A 1123 17.36 -62.98 -6.56
N GLU A 1124 17.72 -64.25 -6.78
CA GLU A 1124 17.92 -65.18 -5.67
C GLU A 1124 18.95 -64.66 -4.68
N GLY A 1125 19.81 -63.73 -5.10
CA GLY A 1125 20.79 -63.14 -4.21
C GLY A 1125 21.28 -61.82 -4.75
N GLU A 1126 21.65 -60.97 -3.79
CA GLU A 1126 22.37 -59.68 -4.03
C GLU A 1126 21.61 -58.84 -5.05
N GLY A 1127 20.33 -58.54 -4.77
CA GLY A 1127 19.63 -57.64 -5.70
C GLY A 1127 20.41 -56.34 -5.71
N ARG A 1128 20.78 -55.85 -6.89
CA ARG A 1128 21.66 -54.66 -6.94
C ARG A 1128 20.86 -53.46 -7.46
N VAL A 1129 20.26 -53.60 -8.65
CA VAL A 1129 19.77 -52.40 -9.32
C VAL A 1129 18.76 -51.66 -8.44
N GLY A 1130 17.95 -52.41 -7.69
CA GLY A 1130 16.95 -51.79 -6.85
C GLY A 1130 17.53 -50.81 -5.85
N ILE A 1131 18.70 -51.13 -5.30
CA ILE A 1131 19.38 -50.19 -4.41
C ILE A 1131 19.73 -48.91 -5.16
N ILE A 1132 20.29 -49.07 -6.36
CA ILE A 1132 20.71 -47.94 -7.17
C ILE A 1132 19.54 -47.01 -7.46
N LEU A 1133 18.35 -47.56 -7.68
CA LEU A 1133 17.19 -46.72 -7.94
C LEU A 1133 16.60 -46.12 -6.67
N THR A 1134 16.49 -46.91 -5.61
CA THR A 1134 15.79 -46.45 -4.41
C THR A 1134 16.59 -45.39 -3.66
N LEU A 1135 17.92 -45.48 -3.64
CA LEU A 1135 18.71 -44.41 -3.06
C LEU A 1135 18.48 -43.10 -3.82
N ALA A 1136 18.51 -43.17 -5.15
CA ALA A 1136 18.27 -41.99 -5.97
C ALA A 1136 16.92 -41.38 -5.65
N MET A 1137 15.89 -42.21 -5.52
CA MET A 1137 14.60 -41.58 -5.29
C MET A 1137 14.32 -41.33 -3.81
N ASN A 1138 15.25 -41.70 -2.93
CA ASN A 1138 15.26 -41.11 -1.60
C ASN A 1138 15.80 -39.68 -1.64
N ILE A 1139 16.80 -39.45 -2.50
CA ILE A 1139 17.25 -38.06 -2.71
C ILE A 1139 16.15 -37.24 -3.38
N MET A 1140 15.38 -37.88 -4.27
CA MET A 1140 14.41 -37.15 -5.07
C MET A 1140 13.38 -36.41 -4.23
N SER A 1141 13.05 -36.91 -3.04
CA SER A 1141 12.05 -36.23 -2.21
C SER A 1141 12.54 -34.84 -1.79
N THR A 1142 13.76 -34.77 -1.24
CA THR A 1142 14.32 -33.48 -0.87
C THR A 1142 14.48 -32.60 -2.08
N LEU A 1143 14.84 -33.19 -3.23
CA LEU A 1143 14.96 -32.36 -4.43
C LEU A 1143 13.62 -31.76 -4.84
N GLN A 1144 12.54 -32.52 -4.72
CA GLN A 1144 11.21 -32.00 -5.02
C GLN A 1144 10.86 -30.85 -4.09
N TRP A 1145 11.16 -31.00 -2.79
CA TRP A 1145 10.96 -29.90 -1.86
C TRP A 1145 11.74 -28.66 -2.31
N ALA A 1146 12.96 -28.85 -2.80
CA ALA A 1146 13.76 -27.73 -3.29
C ALA A 1146 13.10 -27.06 -4.49
N VAL A 1147 12.50 -27.84 -5.39
CA VAL A 1147 11.82 -27.25 -6.54
C VAL A 1147 10.65 -26.39 -6.09
N ASN A 1148 9.86 -26.88 -5.13
CA ASN A 1148 8.77 -26.05 -4.61
C ASN A 1148 9.29 -24.76 -4.01
N SER A 1149 10.38 -24.84 -3.22
CA SER A 1149 10.96 -23.64 -2.64
C SER A 1149 11.43 -22.68 -3.73
N SER A 1150 11.96 -23.21 -4.83
CA SER A 1150 12.41 -22.35 -5.93
C SER A 1150 11.24 -21.59 -6.55
N ILE A 1151 10.12 -22.29 -6.76
CA ILE A 1151 8.95 -21.61 -7.29
C ILE A 1151 8.51 -20.48 -6.37
N ASP A 1152 8.52 -20.73 -5.07
CA ASP A 1152 8.14 -19.69 -4.12
C ASP A 1152 9.11 -18.50 -4.18
N VAL A 1153 10.40 -18.78 -4.31
CA VAL A 1153 11.39 -17.71 -4.38
C VAL A 1153 11.15 -16.83 -5.60
N ASP A 1154 10.87 -17.44 -6.75
CA ASP A 1154 10.62 -16.62 -7.94
C ASP A 1154 9.36 -15.78 -7.77
N SER A 1155 8.29 -16.39 -7.27
CA SER A 1155 7.06 -15.65 -7.05
C SER A 1155 7.26 -14.48 -6.10
N LEU A 1156 8.19 -14.60 -5.15
CA LEU A 1156 8.51 -13.44 -4.31
C LEU A 1156 9.41 -12.43 -5.02
N MET A 1157 10.35 -12.89 -5.85
CA MET A 1157 11.33 -11.99 -6.43
C MET A 1157 10.71 -11.10 -7.50
N ARG A 1158 9.50 -11.43 -7.93
CA ARG A 1158 8.71 -10.46 -8.69
C ARG A 1158 8.78 -9.05 -8.10
N SER A 1159 8.83 -8.96 -6.77
CA SER A 1159 8.90 -7.66 -6.11
C SER A 1159 10.17 -6.90 -6.47
N VAL A 1160 11.33 -7.58 -6.44
CA VAL A 1160 12.57 -6.92 -6.80
C VAL A 1160 12.53 -6.51 -8.27
N SER A 1161 11.92 -7.33 -9.11
CA SER A 1161 11.75 -6.93 -10.50
C SER A 1161 11.00 -5.61 -10.60
N ARG A 1162 9.92 -5.48 -9.84
CA ARG A 1162 9.08 -4.26 -9.92
C ARG A 1162 9.81 -3.04 -9.33
N VAL A 1163 10.65 -3.23 -8.31
CA VAL A 1163 11.38 -2.10 -7.75
C VAL A 1163 12.46 -1.64 -8.72
N PHE A 1164 13.15 -2.58 -9.37
CA PHE A 1164 14.08 -2.18 -10.41
C PHE A 1164 13.35 -1.52 -11.58
N LYS A 1165 12.06 -1.77 -11.76
CA LYS A 1165 11.33 -0.98 -12.75
C LYS A 1165 11.32 0.50 -12.39
N PHE A 1166 11.10 0.82 -11.11
CA PHE A 1166 11.15 2.24 -10.71
C PHE A 1166 12.55 2.81 -10.76
N ILE A 1167 13.57 2.04 -10.38
CA ILE A 1167 14.91 2.62 -10.36
C ILE A 1167 15.33 3.07 -11.75
N ASP A 1168 14.81 2.45 -12.80
CA ASP A 1168 15.10 2.89 -14.17
C ASP A 1168 14.04 3.89 -14.64
N MET A 1169 14.13 5.09 -14.08
CA MET A 1169 13.34 6.23 -14.53
C MET A 1169 14.27 7.33 -15.00
N PRO A 1170 13.86 8.12 -15.99
CA PRO A 1170 14.76 9.16 -16.53
C PRO A 1170 15.09 10.21 -15.48
N THR A 1171 16.12 10.99 -15.79
CA THR A 1171 16.54 12.10 -14.94
C THR A 1171 16.37 13.40 -15.71
N GLU A 1172 15.68 14.35 -15.09
CA GLU A 1172 15.38 15.61 -15.75
C GLU A 1172 16.61 16.48 -16.02
N GLY A 1173 17.75 16.13 -15.43
CA GLY A 1173 18.97 16.88 -15.66
C GLY A 1173 19.45 16.86 -17.09
N ASP A 1202 31.46 34.80 -6.92
CA ASP A 1202 30.64 35.96 -6.59
C ASP A 1202 29.16 35.59 -6.58
N ILE A 1203 28.34 36.48 -6.03
CA ILE A 1203 26.90 36.25 -5.95
C ILE A 1203 26.31 36.30 -7.35
N TRP A 1204 25.62 35.24 -7.73
CA TRP A 1204 25.05 35.13 -9.07
C TRP A 1204 23.83 36.03 -9.24
N PRO A 1205 22.77 35.90 -8.42
CA PRO A 1205 21.61 36.77 -8.68
C PRO A 1205 21.91 38.21 -8.29
N SER A 1206 22.60 38.91 -9.19
CA SER A 1206 23.07 40.27 -8.90
C SER A 1206 21.91 41.23 -8.75
N GLY A 1207 21.12 41.42 -9.80
CA GLY A 1207 20.01 42.36 -9.76
C GLY A 1207 18.67 41.70 -9.99
N GLY A 1208 18.67 40.56 -10.66
CA GLY A 1208 17.43 39.91 -11.03
C GLY A 1208 16.85 40.36 -12.34
N GLN A 1209 17.52 41.25 -13.08
CA GLN A 1209 17.05 41.67 -14.38
C GLN A 1209 16.84 40.44 -15.25
N MET A 1210 15.63 40.30 -15.76
CA MET A 1210 15.21 39.08 -16.41
C MET A 1210 14.76 39.36 -17.85
N THR A 1211 15.02 38.41 -18.74
CA THR A 1211 14.65 38.55 -20.14
C THR A 1211 14.21 37.18 -20.64
N VAL A 1212 13.00 37.09 -21.17
CA VAL A 1212 12.47 35.83 -21.69
C VAL A 1212 12.13 36.02 -23.16
N LYS A 1213 12.62 35.12 -24.01
CA LYS A 1213 12.36 35.20 -25.44
C LYS A 1213 11.96 33.84 -25.98
N ASP A 1214 10.88 33.84 -26.77
CA ASP A 1214 10.41 32.68 -27.52
C ASP A 1214 10.07 31.50 -26.60
N LEU A 1215 9.62 31.81 -25.40
CA LEU A 1215 9.22 30.75 -24.48
C LEU A 1215 7.89 30.15 -24.91
N THR A 1216 7.77 28.84 -24.74
CA THR A 1216 6.49 28.16 -24.83
C THR A 1216 6.56 26.94 -23.92
N ALA A 1217 5.40 26.52 -23.41
CA ALA A 1217 5.35 25.43 -22.46
C ALA A 1217 4.37 24.36 -22.93
N LYS A 1218 4.72 23.12 -22.62
CA LYS A 1218 3.95 21.93 -22.98
C LYS A 1218 3.85 21.08 -21.72
N TYR A 1219 2.66 20.56 -21.43
CA TYR A 1219 2.57 19.63 -20.31
C TYR A 1219 2.92 18.21 -20.72
N THR A 1220 2.15 17.63 -21.62
CA THR A 1220 2.51 16.35 -22.18
C THR A 1220 3.40 16.56 -23.39
N GLU A 1221 4.29 15.60 -23.62
CA GLU A 1221 5.23 15.72 -24.72
C GLU A 1221 4.49 15.83 -26.05
N GLY A 1222 4.64 16.98 -26.71
CA GLY A 1222 3.90 17.23 -27.94
C GLY A 1222 2.42 17.49 -27.74
N GLY A 1223 1.99 17.77 -26.51
CA GLY A 1223 0.61 18.04 -26.24
C GLY A 1223 0.15 19.37 -26.83
N ASN A 1224 -1.06 19.77 -26.42
CA ASN A 1224 -1.66 20.98 -26.97
C ASN A 1224 -0.90 22.21 -26.49
N ALA A 1225 -1.12 23.31 -27.21
CA ALA A 1225 -0.41 24.57 -26.95
C ALA A 1225 -1.04 25.26 -25.75
N ILE A 1226 -0.46 25.06 -24.57
CA ILE A 1226 -0.88 25.82 -23.40
C ILE A 1226 -0.29 27.22 -23.43
N LEU A 1227 0.85 27.39 -24.07
CA LEU A 1227 1.43 28.72 -24.27
C LEU A 1227 2.12 28.74 -25.64
N GLU A 1228 2.37 29.95 -26.14
CA GLU A 1228 2.93 30.10 -27.48
C GLU A 1228 3.55 31.48 -27.63
N ASN A 1229 4.84 31.50 -27.93
CA ASN A 1229 5.55 32.72 -28.34
C ASN A 1229 5.42 33.84 -27.30
N ILE A 1230 6.01 33.59 -26.13
CA ILE A 1230 6.04 34.55 -25.04
C ILE A 1230 7.40 35.22 -25.00
N SER A 1231 7.41 36.53 -24.71
CA SER A 1231 8.66 37.26 -24.53
C SER A 1231 8.43 38.57 -23.78
N PHE A 1232 9.30 38.87 -22.83
CA PHE A 1232 9.20 40.12 -22.07
C PHE A 1232 10.52 40.35 -21.33
N SER A 1233 10.53 41.41 -20.53
CA SER A 1233 11.72 41.78 -19.78
C SER A 1233 11.31 42.47 -18.50
N ILE A 1234 12.05 42.21 -17.42
CA ILE A 1234 11.80 42.79 -16.11
C ILE A 1234 13.08 43.45 -15.63
N SER A 1235 13.02 44.76 -15.41
CA SER A 1235 14.12 45.47 -14.80
C SER A 1235 14.26 45.07 -13.33
N PRO A 1236 15.47 45.15 -12.78
CA PRO A 1236 15.67 44.71 -11.39
C PRO A 1236 14.84 45.53 -10.42
N GLY A 1237 14.27 44.84 -9.43
CA GLY A 1237 13.54 45.50 -8.36
C GLY A 1237 12.34 46.30 -8.81
N GLN A 1238 11.54 45.76 -9.72
CA GLN A 1238 10.31 46.40 -10.19
C GLN A 1238 9.24 45.32 -10.31
N ARG A 1239 8.43 45.21 -9.25
CA ARG A 1239 7.42 44.16 -9.15
C ARG A 1239 6.39 44.25 -10.28
N VAL A 1240 6.31 43.22 -11.10
CA VAL A 1240 5.31 43.15 -12.16
C VAL A 1240 4.16 42.27 -11.67
N GLY A 1241 2.94 42.78 -11.78
CA GLY A 1241 1.78 42.01 -11.39
C GLY A 1241 1.20 41.31 -12.59
N LEU A 1242 0.95 40.00 -12.44
CA LEU A 1242 0.44 39.19 -13.53
C LEU A 1242 -1.00 38.80 -13.23
N LEU A 1243 -1.83 38.80 -14.26
CA LEU A 1243 -3.24 38.49 -14.09
C LEU A 1243 -3.82 38.01 -15.41
N GLY A 1244 -4.99 37.39 -15.32
CA GLY A 1244 -5.67 36.86 -16.49
C GLY A 1244 -6.80 35.95 -16.07
N ARG A 1245 -7.86 35.88 -16.89
CA ARG A 1245 -9.04 35.11 -16.53
C ARG A 1245 -8.66 33.66 -16.27
N THR A 1246 -9.40 33.01 -15.37
CA THR A 1246 -9.00 31.69 -14.91
C THR A 1246 -8.97 30.70 -16.07
N GLY A 1247 -8.12 29.69 -15.94
CA GLY A 1247 -7.92 28.76 -17.02
C GLY A 1247 -7.08 29.28 -18.17
N SER A 1248 -6.33 30.37 -17.95
CA SER A 1248 -5.48 30.93 -19.00
C SER A 1248 -4.01 30.61 -18.82
N GLY A 1249 -3.64 29.92 -17.73
CA GLY A 1249 -2.30 29.44 -17.57
C GLY A 1249 -1.36 30.29 -16.76
N LYS A 1250 -1.85 31.06 -15.79
CA LYS A 1250 -0.95 31.83 -14.93
C LYS A 1250 -0.04 30.91 -14.11
N SER A 1251 -0.63 29.96 -13.39
CA SER A 1251 0.19 28.99 -12.69
C SER A 1251 1.03 28.17 -13.66
N THR A 1252 0.54 27.99 -14.90
CA THR A 1252 1.34 27.31 -15.91
C THR A 1252 2.63 28.08 -16.17
N LEU A 1253 2.54 29.38 -16.40
CA LEU A 1253 3.73 30.18 -16.66
C LEU A 1253 4.65 30.23 -15.44
N LEU A 1254 4.07 30.37 -14.23
CA LEU A 1254 4.90 30.36 -13.04
C LEU A 1254 5.66 29.05 -12.90
N SER A 1255 4.99 27.92 -13.11
CA SER A 1255 5.68 26.64 -13.04
C SER A 1255 6.73 26.51 -14.13
N ALA A 1256 6.42 26.94 -15.36
CA ALA A 1256 7.37 26.82 -16.44
C ALA A 1256 8.57 27.73 -16.25
N PHE A 1257 8.48 28.74 -15.40
CA PHE A 1257 9.68 29.48 -15.01
C PHE A 1257 10.71 28.57 -14.33
N LEU A 1258 10.25 27.63 -13.52
CA LEU A 1258 11.15 26.72 -12.83
C LEU A 1258 11.56 25.53 -13.69
N ARG A 1259 11.25 25.55 -14.99
CA ARG A 1259 11.44 24.44 -15.93
C ARG A 1259 11.09 23.10 -15.32
N LEU A 1260 10.06 23.08 -14.47
CA LEU A 1260 9.56 21.81 -13.94
C LEU A 1260 8.99 20.95 -15.06
N LEU A 1261 7.91 21.42 -15.67
CA LEU A 1261 7.39 20.80 -16.88
C LEU A 1261 8.31 21.13 -18.07
N ASN A 1262 8.20 20.32 -19.12
CA ASN A 1262 9.11 20.44 -20.26
C ASN A 1262 8.91 21.78 -20.97
N THR A 1263 10.00 22.39 -21.40
CA THR A 1263 9.98 23.78 -21.83
C THR A 1263 10.40 23.94 -23.27
N GLU A 1264 10.47 25.19 -23.71
CA GLU A 1264 11.11 25.62 -24.95
C GLU A 1264 11.21 27.14 -24.92
N GLY A 1265 12.36 27.69 -25.26
CA GLY A 1265 12.60 29.12 -25.17
C GLY A 1265 13.84 29.43 -24.33
N GLU A 1266 14.25 30.69 -24.39
CA GLU A 1266 15.55 31.06 -23.86
C GLU A 1266 15.42 32.26 -22.93
N ILE A 1267 16.04 32.16 -21.74
CA ILE A 1267 15.91 33.16 -20.68
C ILE A 1267 17.29 33.61 -20.23
N GLN A 1268 17.50 34.92 -20.20
CA GLN A 1268 18.72 35.54 -19.74
C GLN A 1268 18.47 36.19 -18.39
N ILE A 1269 19.35 35.92 -17.42
CA ILE A 1269 19.22 36.42 -16.06
C ILE A 1269 20.56 37.01 -15.66
N ASP A 1270 20.72 38.32 -15.84
CA ASP A 1270 21.94 39.02 -15.46
C ASP A 1270 23.19 38.36 -16.04
N GLY A 1271 23.11 37.97 -17.30
CA GLY A 1271 24.28 37.48 -18.01
C GLY A 1271 24.44 35.97 -18.06
N VAL A 1272 23.43 35.21 -17.64
CA VAL A 1272 23.48 33.75 -17.74
C VAL A 1272 22.15 33.26 -18.31
N SER A 1273 22.17 32.04 -18.82
CA SER A 1273 20.98 31.44 -19.40
C SER A 1273 20.65 30.15 -18.65
N TRP A 1274 19.69 29.38 -19.19
CA TRP A 1274 19.44 28.04 -18.68
C TRP A 1274 20.67 27.15 -18.85
N ASP A 1275 21.24 27.13 -20.05
CA ASP A 1275 22.29 26.16 -20.36
C ASP A 1275 23.55 26.40 -19.55
N SER A 1276 23.95 27.66 -19.39
CA SER A 1276 25.22 27.98 -18.76
C SER A 1276 25.23 27.73 -17.26
N ILE A 1277 24.18 27.15 -16.69
CA ILE A 1277 24.13 26.85 -15.26
C ILE A 1277 23.38 25.55 -15.05
N THR A 1278 23.83 24.78 -14.07
CA THR A 1278 23.18 23.51 -13.77
C THR A 1278 21.78 23.74 -13.21
N LEU A 1279 20.97 22.69 -13.27
CA LEU A 1279 19.56 22.79 -12.87
C LEU A 1279 19.40 23.12 -11.40
N GLN A 1280 20.03 22.32 -10.53
CA GLN A 1280 19.86 22.51 -9.09
C GLN A 1280 20.41 23.86 -8.66
N GLN A 1281 21.56 24.26 -9.20
CA GLN A 1281 22.08 25.58 -8.92
C GLN A 1281 21.21 26.68 -9.50
N TRP A 1282 20.43 26.36 -10.53
CA TRP A 1282 19.54 27.35 -11.14
C TRP A 1282 18.31 27.60 -10.27
N ARG A 1283 17.70 26.54 -9.75
CA ARG A 1283 16.51 26.74 -8.94
C ARG A 1283 16.78 27.43 -7.61
N LYS A 1284 18.05 27.58 -7.22
CA LYS A 1284 18.37 28.22 -5.94
C LYS A 1284 18.04 29.70 -5.92
N ALA A 1285 17.86 30.34 -7.07
CA ALA A 1285 17.67 31.78 -7.09
C ALA A 1285 16.26 32.19 -6.70
N PHE A 1286 15.30 31.27 -6.77
CA PHE A 1286 13.88 31.60 -6.63
C PHE A 1286 13.32 31.15 -5.29
N GLY A 1287 12.16 31.71 -4.96
CA GLY A 1287 11.38 31.30 -3.80
C GLY A 1287 9.90 31.29 -4.17
N VAL A 1288 9.17 30.29 -3.72
CA VAL A 1288 7.81 30.06 -4.22
C VAL A 1288 6.86 29.86 -3.05
N ILE A 1289 5.67 30.44 -3.19
CA ILE A 1289 4.54 30.12 -2.33
C ILE A 1289 3.45 29.54 -3.22
N PRO A 1290 3.42 28.22 -3.42
CA PRO A 1290 2.58 27.66 -4.47
C PRO A 1290 1.10 27.80 -4.17
N GLN A 1291 0.31 27.58 -5.23
CA GLN A 1291 -1.14 27.59 -5.09
C GLN A 1291 -1.61 26.53 -4.11
N LYS A 1292 -0.94 25.38 -4.10
CA LYS A 1292 -1.26 24.27 -3.21
C LYS A 1292 -0.29 24.30 -2.04
N VAL A 1293 -0.78 24.66 -0.86
CA VAL A 1293 0.05 24.66 0.33
C VAL A 1293 0.49 23.23 0.63
N PHE A 1294 1.57 23.09 1.39
CA PHE A 1294 2.16 21.78 1.66
C PHE A 1294 2.66 21.72 3.09
N ILE A 1295 1.98 20.93 3.92
CA ILE A 1295 2.26 20.78 5.34
C ILE A 1295 2.29 19.31 5.70
N PHE A 1296 3.48 18.76 5.98
CA PHE A 1296 3.53 17.34 6.32
C PHE A 1296 3.38 17.17 7.83
N SER A 1297 3.64 15.96 8.30
CA SER A 1297 3.58 15.68 9.73
C SER A 1297 4.91 16.02 10.40
N GLY A 1298 4.84 16.78 11.48
CA GLY A 1298 6.05 17.14 12.19
C GLY A 1298 5.78 18.26 13.17
N THR A 1299 6.85 18.94 13.56
CA THR A 1299 6.75 20.09 14.46
C THR A 1299 6.83 21.38 13.66
N PHE A 1300 6.42 22.48 14.30
CA PHE A 1300 6.40 23.77 13.63
C PHE A 1300 7.79 24.16 13.15
N ARG A 1301 8.79 24.01 14.01
CA ARG A 1301 10.14 24.37 13.64
C ARG A 1301 10.67 23.52 12.49
N LYS A 1302 10.42 22.21 12.51
CA LYS A 1302 10.87 21.36 11.42
C LYS A 1302 10.10 21.67 10.15
N ASN A 1303 8.79 21.91 10.27
CA ASN A 1303 7.97 22.24 9.11
C ASN A 1303 8.38 23.53 8.44
N LEU A 1304 8.77 24.54 9.22
CA LEU A 1304 9.09 25.83 8.64
C LEU A 1304 10.43 25.81 7.92
N ASP A 1305 11.37 25.00 8.40
CA ASP A 1305 12.70 24.90 7.80
C ASP A 1305 13.41 23.58 8.13
N PRO A 1306 13.12 22.52 7.36
CA PRO A 1306 13.72 21.21 7.65
C PRO A 1306 15.24 21.20 7.61
N TYR A 1307 15.86 22.05 6.78
CA TYR A 1307 17.31 22.13 6.77
C TYR A 1307 17.89 22.57 8.10
N GLU A 1308 17.09 23.24 8.93
CA GLU A 1308 17.51 23.68 10.26
C GLU A 1308 18.74 24.58 10.17
N GLN A 1309 18.58 25.70 9.46
CA GLN A 1309 19.69 26.63 9.29
C GLN A 1309 19.67 27.74 10.33
N TRP A 1310 18.49 28.06 10.87
CA TRP A 1310 18.30 29.29 11.62
C TRP A 1310 17.87 29.00 13.05
N SER A 1311 18.33 29.85 13.97
CA SER A 1311 18.02 29.71 15.37
C SER A 1311 16.55 30.07 15.63
N ASP A 1312 16.06 29.66 16.80
CA ASP A 1312 14.68 29.98 17.17
C ASP A 1312 14.47 31.47 17.37
N GLN A 1313 15.54 32.25 17.54
CA GLN A 1313 15.38 33.70 17.56
C GLN A 1313 14.96 34.22 16.18
N GLU A 1314 15.58 33.70 15.12
CA GLU A 1314 15.18 34.04 13.76
C GLU A 1314 13.71 33.71 13.51
N ILE A 1315 13.31 32.49 13.86
CA ILE A 1315 11.93 32.06 13.66
C ILE A 1315 10.98 32.94 14.46
N TRP A 1316 11.34 33.25 15.71
CA TRP A 1316 10.45 34.04 16.54
C TRP A 1316 10.34 35.48 16.07
N LYS A 1317 11.39 36.02 15.45
CA LYS A 1317 11.26 37.39 14.95
C LYS A 1317 10.44 37.41 13.66
N VAL A 1318 10.57 36.37 12.84
CA VAL A 1318 9.76 36.31 11.61
C VAL A 1318 8.29 36.07 11.94
N ALA A 1319 8.02 35.25 12.96
CA ALA A 1319 6.66 34.86 13.30
C ALA A 1319 5.82 36.01 13.82
N ASP A 1320 6.40 37.16 14.13
CA ASP A 1320 5.60 38.34 14.43
C ASP A 1320 5.38 39.21 13.21
N GLU A 1321 6.33 39.21 12.28
CA GLU A 1321 6.11 39.86 10.98
C GLU A 1321 4.94 39.21 10.26
N VAL A 1322 4.87 37.88 10.28
CA VAL A 1322 3.77 37.21 9.58
C VAL A 1322 2.53 37.09 10.42
N GLY A 1323 2.52 37.65 11.63
CA GLY A 1323 1.34 37.64 12.47
C GLY A 1323 0.85 36.25 12.86
N LEU A 1324 1.78 35.35 13.17
CA LEU A 1324 1.45 33.99 13.55
C LEU A 1324 1.53 33.75 15.06
N ARG A 1325 1.68 34.82 15.86
CA ARG A 1325 1.74 34.67 17.31
C ARG A 1325 0.49 33.98 17.84
N SER A 1326 -0.69 34.47 17.44
CA SER A 1326 -1.95 33.99 17.99
C SER A 1326 -2.30 32.59 17.54
N VAL A 1327 -1.55 32.01 16.62
CA VAL A 1327 -1.73 30.62 16.22
C VAL A 1327 -0.80 29.69 16.99
N ILE A 1328 0.45 30.11 17.19
CA ILE A 1328 1.40 29.29 17.93
C ILE A 1328 1.05 29.27 19.42
N GLU A 1329 0.71 30.43 19.99
CA GLU A 1329 0.52 30.50 21.44
C GLU A 1329 -0.64 29.63 21.91
N GLN A 1330 -1.75 29.62 21.18
CA GLN A 1330 -2.89 28.80 21.59
C GLN A 1330 -2.56 27.32 21.54
N PHE A 1331 -1.70 26.90 20.64
CA PHE A 1331 -1.38 25.48 20.55
C PHE A 1331 -0.37 25.11 21.63
N PRO A 1332 -0.52 23.91 22.22
CA PRO A 1332 0.29 23.55 23.39
C PRO A 1332 1.79 23.63 23.16
N GLY A 1333 2.29 22.91 22.16
CA GLY A 1333 3.72 22.88 21.93
C GLY A 1333 4.20 24.01 21.04
N LYS A 1334 4.67 25.08 21.64
CA LYS A 1334 5.20 26.21 20.88
C LYS A 1334 6.42 25.77 20.09
N LEU A 1335 6.28 25.75 18.77
CA LEU A 1335 7.28 25.28 17.81
C LEU A 1335 7.61 23.81 17.98
N ASP A 1336 6.93 23.10 18.88
CA ASP A 1336 7.18 21.68 19.07
C ASP A 1336 5.89 20.85 19.01
N PHE A 1337 4.75 21.48 18.78
CA PHE A 1337 3.52 20.72 18.61
C PHE A 1337 3.63 19.87 17.35
N VAL A 1338 3.07 18.66 17.43
CA VAL A 1338 3.11 17.73 16.31
C VAL A 1338 1.92 18.00 15.41
N LEU A 1339 2.13 17.89 14.11
CA LEU A 1339 1.07 18.10 13.13
C LEU A 1339 0.70 16.76 12.49
N VAL A 1340 -0.59 16.55 12.29
CA VAL A 1340 -1.10 15.28 11.81
C VAL A 1340 -2.11 15.53 10.70
N ASP A 1341 -2.19 14.59 9.76
CA ASP A 1341 -3.15 14.63 8.66
C ASP A 1341 -3.03 15.93 7.86
N GLY A 1342 -1.78 16.31 7.56
CA GLY A 1342 -1.54 17.44 6.69
C GLY A 1342 -2.03 18.76 7.22
N GLY A 1343 -1.88 19.02 8.52
CA GLY A 1343 -2.29 20.29 9.08
C GLY A 1343 -3.79 20.48 9.14
N CYS A 1344 -4.56 19.39 9.20
CA CYS A 1344 -6.01 19.51 9.35
C CYS A 1344 -6.39 20.26 10.61
N VAL A 1345 -5.50 20.28 11.61
CA VAL A 1345 -5.76 21.05 12.83
C VAL A 1345 -5.86 22.54 12.50
N LEU A 1346 -4.97 23.03 11.64
CA LEU A 1346 -4.97 24.43 11.27
C LEU A 1346 -6.13 24.76 10.32
N SER A 1347 -6.40 26.06 10.20
CA SER A 1347 -7.37 26.57 9.24
C SER A 1347 -6.68 26.74 7.88
N HIS A 1348 -7.33 27.47 6.97
CA HIS A 1348 -6.74 27.71 5.65
C HIS A 1348 -5.87 28.97 5.65
N GLY A 1349 -6.41 30.08 6.13
CA GLY A 1349 -5.63 31.31 6.18
C GLY A 1349 -4.36 31.17 6.99
N HIS A 1350 -4.41 30.43 8.09
CA HIS A 1350 -3.20 30.19 8.86
C HIS A 1350 -2.18 29.40 8.05
N LYS A 1351 -2.64 28.42 7.27
CA LYS A 1351 -1.72 27.71 6.39
C LYS A 1351 -1.10 28.65 5.37
N GLN A 1352 -1.90 29.56 4.83
CA GLN A 1352 -1.38 30.52 3.87
C GLN A 1352 -0.28 31.38 4.50
N LEU A 1353 -0.54 31.89 5.70
CA LEU A 1353 0.47 32.70 6.38
C LEU A 1353 1.71 31.88 6.70
N MET A 1354 1.52 30.61 7.06
CA MET A 1354 2.64 29.73 7.35
C MET A 1354 3.53 29.59 6.11
N CYS A 1355 2.92 29.31 4.96
CA CYS A 1355 3.71 29.19 3.75
C CYS A 1355 4.39 30.49 3.37
N LEU A 1356 3.71 31.63 3.58
CA LEU A 1356 4.36 32.89 3.25
C LEU A 1356 5.57 33.12 4.14
N ALA A 1357 5.47 32.77 5.43
CA ALA A 1357 6.62 32.85 6.31
C ALA A 1357 7.74 31.93 5.82
N ARG A 1358 7.39 30.71 5.40
CA ARG A 1358 8.36 29.78 4.87
C ARG A 1358 9.05 30.32 3.63
N SER A 1359 8.41 31.24 2.92
CA SER A 1359 9.11 31.93 1.83
C SER A 1359 9.88 33.15 2.29
N VAL A 1360 9.48 33.79 3.38
CA VAL A 1360 10.25 34.91 3.91
C VAL A 1360 11.60 34.42 4.41
N LEU A 1361 11.64 33.27 5.08
CA LEU A 1361 12.90 32.74 5.59
C LEU A 1361 13.91 32.57 4.46
N SER A 1362 13.53 31.88 3.41
CA SER A 1362 14.43 31.67 2.28
C SER A 1362 14.53 32.95 1.48
N LYS A 1363 15.43 33.85 1.88
CA LYS A 1363 15.58 35.14 1.22
C LYS A 1363 16.14 34.93 -0.17
N ALA A 1364 15.28 35.02 -1.19
CA ALA A 1364 15.66 34.88 -2.57
C ALA A 1364 15.51 36.23 -3.27
N LYS A 1365 16.33 36.45 -4.29
CA LYS A 1365 16.33 37.77 -4.93
C LYS A 1365 15.18 37.91 -5.92
N ILE A 1366 15.00 36.92 -6.79
CA ILE A 1366 13.81 36.83 -7.63
C ILE A 1366 12.86 35.86 -6.96
N LEU A 1367 11.60 36.28 -6.79
CA LEU A 1367 10.65 35.45 -6.07
C LEU A 1367 9.33 35.43 -6.81
N LEU A 1368 8.67 34.28 -6.79
CA LEU A 1368 7.38 34.09 -7.44
C LEU A 1368 6.31 33.89 -6.38
N LEU A 1369 5.26 34.71 -6.43
CA LEU A 1369 4.10 34.56 -5.56
C LEU A 1369 2.94 34.10 -6.43
N ASP A 1370 2.40 32.92 -6.13
CA ASP A 1370 1.29 32.36 -6.88
C ASP A 1370 0.07 32.44 -5.96
N GLN A 1371 -0.71 33.51 -6.11
CA GLN A 1371 -1.89 33.76 -5.31
C GLN A 1371 -1.58 33.70 -3.82
N PRO A 1372 -0.85 34.67 -3.27
CA PRO A 1372 -0.60 34.66 -1.83
C PRO A 1372 -1.86 34.85 -1.01
N SER A 1373 -2.87 35.54 -1.53
CA SER A 1373 -4.12 35.76 -0.82
C SER A 1373 -5.23 34.97 -1.51
N ALA A 1374 -5.60 33.83 -0.93
CA ALA A 1374 -6.60 32.96 -1.53
C ALA A 1374 -7.99 33.24 -0.98
N HIS A 1375 -8.18 33.04 0.33
CA HIS A 1375 -9.50 33.20 0.94
C HIS A 1375 -9.48 34.23 2.07
N LEU A 1376 -8.44 35.04 2.16
CA LEU A 1376 -8.27 35.90 3.31
C LEU A 1376 -9.30 37.02 3.36
N ASP A 1377 -9.56 37.51 4.57
CA ASP A 1377 -10.46 38.61 4.81
C ASP A 1377 -9.83 39.92 4.34
N PRO A 1378 -10.62 40.98 4.20
CA PRO A 1378 -10.04 42.29 3.87
C PRO A 1378 -9.13 42.85 4.95
N VAL A 1379 -9.22 42.36 6.19
CA VAL A 1379 -8.39 42.92 7.26
C VAL A 1379 -7.03 42.26 7.28
N THR A 1380 -6.99 40.93 7.40
CA THR A 1380 -5.72 40.22 7.48
C THR A 1380 -4.89 40.41 6.21
N TYR A 1381 -5.56 40.63 5.08
CA TYR A 1381 -4.85 40.88 3.84
C TYR A 1381 -3.85 42.03 3.96
N GLN A 1382 -4.13 42.99 4.84
CA GLN A 1382 -3.21 44.10 5.05
C GLN A 1382 -1.81 43.59 5.30
N ILE A 1383 -1.67 42.56 6.15
CA ILE A 1383 -0.36 42.01 6.48
C ILE A 1383 0.39 41.65 5.21
N ILE A 1384 -0.30 41.03 4.26
CA ILE A 1384 0.30 40.69 2.98
C ILE A 1384 1.01 41.91 2.40
N ARG A 1385 0.24 42.97 2.13
CA ARG A 1385 0.87 44.12 1.51
C ARG A 1385 1.89 44.73 2.44
N ARG A 1386 1.68 44.60 3.75
CA ARG A 1386 2.67 45.07 4.70
C ARG A 1386 3.99 44.34 4.48
N THR A 1387 3.96 43.01 4.47
CA THR A 1387 5.19 42.28 4.26
C THR A 1387 5.67 42.35 2.81
N LEU A 1388 5.03 43.20 2.00
CA LEU A 1388 5.56 43.47 0.66
C LEU A 1388 6.39 44.74 0.64
N LYS A 1389 6.26 45.59 1.65
CA LYS A 1389 6.99 46.86 1.62
C LYS A 1389 8.31 46.77 2.37
N GLN A 1390 8.26 46.51 3.68
CA GLN A 1390 9.49 46.51 4.49
C GLN A 1390 10.27 45.23 4.29
N ALA A 1391 9.58 44.09 4.16
CA ALA A 1391 10.27 42.82 4.04
C ALA A 1391 10.96 42.70 2.68
N PHE A 1392 10.19 42.80 1.61
CA PHE A 1392 10.72 42.63 0.26
C PHE A 1392 11.01 44.02 -0.29
N ALA A 1393 12.06 44.64 0.25
CA ALA A 1393 12.36 46.03 -0.04
C ALA A 1393 12.71 46.24 -1.52
N ASP A 1394 13.61 45.39 -2.04
CA ASP A 1394 14.11 45.56 -3.39
C ASP A 1394 13.97 44.32 -4.27
N CYS A 1395 13.67 43.17 -3.68
CA CYS A 1395 13.66 41.92 -4.43
C CYS A 1395 12.60 41.97 -5.52
N THR A 1396 12.94 41.41 -6.68
CA THR A 1396 12.00 41.35 -7.79
C THR A 1396 10.92 40.31 -7.51
N VAL A 1397 9.66 40.70 -7.74
CA VAL A 1397 8.49 39.92 -7.38
C VAL A 1397 7.67 39.65 -8.63
N ILE A 1398 7.33 38.39 -8.84
CA ILE A 1398 6.38 37.99 -9.88
C ILE A 1398 5.10 37.63 -9.13
N LEU A 1399 4.21 38.59 -8.97
CA LEU A 1399 3.04 38.45 -8.11
C LEU A 1399 1.84 38.13 -9.00
N CYS A 1400 1.20 36.99 -8.74
CA CYS A 1400 0.04 36.55 -9.54
C CYS A 1400 -1.18 36.55 -8.63
N GLU A 1401 -1.85 37.69 -8.55
CA GLU A 1401 -3.04 37.84 -7.75
C GLU A 1401 -4.29 37.77 -8.62
N HIS A 1402 -5.43 37.57 -7.97
CA HIS A 1402 -6.72 37.71 -8.62
C HIS A 1402 -7.49 38.94 -8.14
N ARG A 1403 -7.55 39.16 -6.83
CA ARG A 1403 -8.23 40.33 -6.29
C ARG A 1403 -7.56 41.60 -6.80
N ILE A 1404 -8.34 42.44 -7.48
CA ILE A 1404 -7.78 43.61 -8.16
C ILE A 1404 -7.15 44.59 -7.19
N GLU A 1405 -7.58 44.58 -5.92
CA GLU A 1405 -7.04 45.53 -4.95
C GLU A 1405 -5.53 45.38 -4.83
N ALA A 1406 -5.03 44.16 -4.94
CA ALA A 1406 -3.60 43.90 -4.80
C ALA A 1406 -2.79 44.31 -6.02
N MET A 1407 -3.40 44.93 -7.02
CA MET A 1407 -2.67 45.39 -8.19
C MET A 1407 -2.33 46.87 -8.13
N LEU A 1408 -2.60 47.55 -7.03
CA LEU A 1408 -2.30 48.97 -6.96
C LEU A 1408 -0.81 49.25 -6.80
N GLU A 1409 -0.01 48.26 -6.42
CA GLU A 1409 1.41 48.47 -6.15
C GLU A 1409 2.29 48.21 -7.37
N CYS A 1410 2.01 47.13 -8.11
CA CYS A 1410 2.92 46.70 -9.17
C CYS A 1410 3.00 47.73 -10.27
N GLN A 1411 4.19 47.86 -10.87
CA GLN A 1411 4.46 48.88 -11.86
C GLN A 1411 4.06 48.48 -13.28
N GLN A 1412 4.37 47.24 -13.65
CA GLN A 1412 3.90 46.68 -14.94
C GLN A 1412 2.80 45.64 -14.69
N PHE A 1413 1.91 45.45 -15.66
CA PHE A 1413 0.86 44.46 -15.59
C PHE A 1413 0.98 43.54 -16.79
N LEU A 1414 0.98 42.24 -16.54
CA LEU A 1414 1.04 41.21 -17.58
C LEU A 1414 -0.31 40.51 -17.62
N VAL A 1415 -1.11 40.83 -18.63
CA VAL A 1415 -2.40 40.17 -18.82
C VAL A 1415 -2.21 39.00 -19.77
N ILE A 1416 -2.64 37.82 -19.34
CA ILE A 1416 -2.51 36.62 -20.14
C ILE A 1416 -3.85 36.35 -20.82
N GLU A 1417 -3.84 36.32 -22.14
CA GLU A 1417 -5.06 36.11 -22.90
C GLU A 1417 -4.72 35.41 -24.20
N GLU A 1418 -5.58 34.48 -24.61
CA GLU A 1418 -5.40 33.70 -25.83
C GLU A 1418 -4.03 33.05 -25.88
N ASN A 1419 -3.58 32.56 -24.72
CA ASN A 1419 -2.30 31.87 -24.57
C ASN A 1419 -1.11 32.77 -24.95
N LYS A 1420 -1.27 34.08 -24.83
CA LYS A 1420 -0.22 35.04 -25.13
C LYS A 1420 -0.20 36.07 -24.01
N VAL A 1421 0.94 36.73 -23.82
CA VAL A 1421 1.06 37.73 -22.77
C VAL A 1421 1.13 39.11 -23.40
N ARG A 1422 0.41 40.05 -22.78
CA ARG A 1422 0.51 41.46 -23.14
C ARG A 1422 0.87 42.25 -21.90
N GLN A 1423 1.89 43.09 -21.99
CA GLN A 1423 2.33 43.87 -20.86
C GLN A 1423 2.00 45.34 -21.08
N TYR A 1424 1.59 45.99 -20.00
CA TYR A 1424 1.37 47.43 -20.00
C TYR A 1424 2.07 48.04 -18.81
N ASP A 1425 2.40 49.33 -18.94
CA ASP A 1425 3.12 50.04 -17.90
C ASP A 1425 2.20 50.66 -16.86
N SER A 1426 0.88 50.59 -17.05
CA SER A 1426 -0.06 51.25 -16.18
C SER A 1426 -1.32 50.41 -16.01
N ILE A 1427 -2.32 51.02 -15.38
CA ILE A 1427 -3.60 50.37 -15.13
C ILE A 1427 -4.71 50.96 -16.00
N GLN A 1428 -4.67 52.27 -16.23
CA GLN A 1428 -5.77 52.92 -16.93
C GLN A 1428 -5.91 52.39 -18.36
N LYS A 1429 -4.81 52.32 -19.10
CA LYS A 1429 -4.87 51.83 -20.47
C LYS A 1429 -5.32 50.38 -20.50
N LEU A 1430 -4.86 49.57 -19.54
CA LEU A 1430 -5.35 48.21 -19.40
C LEU A 1430 -6.87 48.19 -19.29
N LEU A 1431 -7.41 48.99 -18.37
CA LEU A 1431 -8.82 48.82 -18.06
C LEU A 1431 -9.70 49.41 -19.16
N ASN A 1432 -9.31 50.53 -19.77
CA ASN A 1432 -10.07 50.98 -20.93
C ASN A 1432 -9.94 50.01 -22.10
N GLU A 1433 -8.83 49.26 -22.17
CA GLU A 1433 -8.65 48.33 -23.28
C GLU A 1433 -9.60 47.14 -23.18
N ARG A 1434 -9.96 46.74 -21.96
CA ARG A 1434 -11.00 45.74 -21.74
C ARG A 1434 -12.17 46.39 -21.00
N SER A 1435 -13.20 46.79 -21.75
CA SER A 1435 -14.34 47.48 -21.16
C SER A 1435 -15.12 46.56 -20.22
N LEU A 1436 -15.31 45.30 -20.60
CA LEU A 1436 -16.11 44.40 -19.78
C LEU A 1436 -15.50 44.17 -18.41
N PHE A 1437 -14.19 44.35 -18.29
CA PHE A 1437 -13.54 44.18 -17.00
C PHE A 1437 -13.83 45.35 -16.06
N ARG A 1438 -14.26 46.49 -16.62
CA ARG A 1438 -14.38 47.71 -15.83
C ARG A 1438 -15.52 47.63 -14.82
N GLN A 1439 -16.69 47.17 -15.25
CA GLN A 1439 -17.86 47.20 -14.39
C GLN A 1439 -17.84 46.10 -13.34
N ALA A 1440 -16.73 45.37 -13.19
CA ALA A 1440 -16.65 44.28 -12.25
C ALA A 1440 -16.03 44.66 -10.91
N ILE A 1441 -15.29 45.76 -10.85
CA ILE A 1441 -14.63 46.17 -9.61
C ILE A 1441 -15.66 46.82 -8.68
N SER A 1442 -15.55 46.49 -7.39
CA SER A 1442 -16.42 47.08 -6.39
C SER A 1442 -16.19 48.59 -6.31
N PRO A 1443 -17.23 49.36 -5.97
CA PRO A 1443 -17.06 50.83 -5.91
C PRO A 1443 -15.97 51.27 -4.95
N SER A 1444 -15.83 50.59 -3.81
CA SER A 1444 -14.79 50.97 -2.84
C SER A 1444 -13.40 50.83 -3.43
N ASP A 1445 -13.21 49.89 -4.35
CA ASP A 1445 -11.94 49.75 -5.05
C ASP A 1445 -11.91 50.55 -6.34
N ARG A 1446 -13.06 50.74 -7.00
CA ARG A 1446 -13.10 51.53 -8.22
C ARG A 1446 -12.72 52.97 -7.95
N VAL A 1447 -13.13 53.53 -6.81
CA VAL A 1447 -12.68 54.87 -6.46
C VAL A 1447 -11.18 54.86 -6.17
N LYS A 1448 -10.66 53.78 -5.59
CA LYS A 1448 -9.23 53.70 -5.31
C LYS A 1448 -8.42 53.72 -6.60
N LEU A 1449 -8.87 52.99 -7.62
CA LEU A 1449 -8.14 52.95 -8.87
C LEU A 1449 -8.33 54.23 -9.68
N PHE A 1450 -9.54 54.78 -9.67
CA PHE A 1450 -9.82 56.04 -10.35
C PHE A 1450 -10.04 57.13 -9.32
N PRO A 1451 -9.05 57.99 -9.06
CA PRO A 1451 -9.20 59.09 -8.11
C PRO A 1451 -9.88 60.32 -8.73
N UNK B 1 -25.39 5.75 -12.50
CA UNK B 1 -25.95 5.14 -11.30
C UNK B 1 -25.66 3.65 -11.26
N UNK B 2 -24.39 3.29 -11.36
CA UNK B 2 -23.99 1.89 -11.36
C UNK B 2 -23.84 1.39 -9.92
N UNK B 3 -24.30 0.17 -9.67
CA UNK B 3 -24.22 -0.41 -8.34
C UNK B 3 -23.88 -1.90 -8.41
N UNK B 4 -23.50 -2.37 -9.59
CA UNK B 4 -23.17 -3.77 -9.79
C UNK B 4 -21.73 -4.05 -9.41
N UNK B 5 -21.53 -5.07 -8.58
CA UNK B 5 -20.20 -5.48 -8.16
C UNK B 5 -19.64 -6.54 -9.11
N UNK B 6 -19.71 -6.25 -10.41
CA UNK B 6 -19.19 -7.15 -11.43
C UNK B 6 -18.21 -6.40 -12.32
N UNK B 7 -16.93 -6.74 -12.21
CA UNK B 7 -15.88 -6.03 -12.94
C UNK B 7 -16.11 -6.06 -14.44
N UNK B 8 -16.18 -4.88 -15.05
CA UNK B 8 -16.42 -4.76 -16.47
C UNK B 8 -15.11 -4.63 -17.25
N UNK B 9 -15.22 -4.40 -18.56
CA UNK B 9 -14.05 -4.33 -19.42
C UNK B 9 -13.11 -3.19 -19.03
N UNK B 10 -13.68 -2.07 -18.61
CA UNK B 10 -12.89 -0.90 -18.22
C UNK B 10 -11.99 -1.23 -17.04
N UNK B 11 -12.52 -2.06 -16.13
CA UNK B 11 -11.76 -2.48 -14.96
C UNK B 11 -10.47 -3.18 -15.37
N UNK B 12 -10.61 -4.20 -16.21
CA UNK B 12 -9.46 -4.98 -16.66
C UNK B 12 -8.52 -4.11 -17.50
N UNK B 13 -9.09 -3.22 -18.30
CA UNK B 13 -8.30 -2.34 -19.15
C UNK B 13 -7.41 -1.44 -18.29
N UNK B 14 -7.96 -0.96 -17.17
CA UNK B 14 -7.20 -0.11 -16.25
C UNK B 14 -6.19 -0.95 -15.47
N UNK B 15 -6.53 -2.23 -15.24
CA UNK B 15 -5.69 -3.15 -14.45
C UNK B 15 -4.35 -3.39 -15.16
N UNK B 16 -4.39 -3.89 -16.40
CA UNK B 16 -3.15 -4.17 -17.15
C UNK B 16 -2.39 -2.86 -17.38
N UNK B 17 -3.10 -1.78 -17.73
CA UNK B 17 -2.46 -0.47 -17.96
C UNK B 17 -1.23 -0.64 -18.85
MG MG C . -12.17 28.91 5.83
MG MG D . -4.29 30.08 -9.29
PG ATP E . -10.28 31.08 7.52
O1G ATP E . -11.22 32.25 7.65
O2G ATP E . -8.82 31.43 7.48
O3G ATP E . -10.72 30.07 6.49
PB ATP E . -11.72 29.31 9.03
O1B ATP E . -12.95 30.10 8.64
O2B ATP E . -11.38 28.04 8.30
O3B ATP E . -10.47 30.31 8.91
PA ATP E . -12.12 27.53 11.14
O1A ATP E . -13.59 27.26 10.90
O2A ATP E . -11.10 26.59 10.57
O3A ATP E . -11.80 29.01 10.60
O5' ATP E . -11.86 27.70 12.70
C5' ATP E . -10.96 28.72 13.15
C4' ATP E . -10.39 28.30 14.49
O4' ATP E . -10.81 26.97 14.76
C3' ATP E . -8.87 28.29 14.45
O3' ATP E . -8.36 29.10 15.52
C2' ATP E . -8.45 26.86 14.66
O2' ATP E . -7.49 26.80 15.74
C1' ATP E . -9.71 26.11 15.05
N9 ATP E . -9.84 24.90 14.21
C8 ATP E . -10.42 24.85 13.01
N7 ATP E . -10.37 23.59 12.50
C5 ATP E . -9.76 22.82 13.40
C6 ATP E . -9.37 21.40 13.50
N6 ATP E . -9.67 20.54 12.49
N1 ATP E . -8.73 21.00 14.60
C2 ATP E . -8.43 21.85 15.61
N3 ATP E . -8.75 23.15 15.58
C4 ATP E . -9.39 23.69 14.53
PG ATP F . -6.44 29.77 -11.99
O1G ATP F . -6.90 31.10 -12.52
O2G ATP F . -7.53 28.87 -11.45
O3G ATP F . -5.21 29.87 -11.12
PB ATP F . -4.41 29.03 -13.72
O1B ATP F . -4.05 30.44 -14.09
O2B ATP F . -3.62 28.29 -12.67
O3B ATP F . -5.95 28.98 -13.30
PA ATP F . -3.21 27.01 -15.13
O1A ATP F . -1.88 27.71 -15.03
O2A ATP F . -3.53 25.92 -14.15
O3A ATP F . -4.36 28.13 -15.05
O5' ATP F . -3.40 26.45 -16.63
C5' ATP F . -4.71 26.20 -17.13
C4' ATP F . -4.62 25.27 -18.33
O4' ATP F . -3.48 24.42 -18.16
C3' ATP F . -5.84 24.38 -18.44
O3' ATP F . -6.41 24.53 -19.74
C2' ATP F . -5.35 22.97 -18.25
O2' ATP F . -5.83 22.14 -19.31
C1' ATP F . -3.83 23.06 -18.30
N9 ATP F . -3.28 22.33 -17.13
C8 ATP F . -3.00 22.88 -15.95
N7 ATP F . -2.50 21.96 -15.09
C5 ATP F . -2.46 20.79 -15.73
C6 ATP F . -2.04 19.41 -15.42
N6 ATP F . -1.56 19.10 -14.19
N1 ATP F . -2.15 18.47 -16.38
C2 ATP F . -2.64 18.77 -17.60
N3 ATP F . -3.03 20.01 -17.96
C4 ATP F . -2.97 21.03 -17.09
C310 POV G . -4.02 -45.94 12.73
C311 POV G . -4.30 -44.76 11.81
C32 POV G . 2.97 -52.77 13.94
C33 POV G . 1.47 -52.53 13.82
C34 POV G . 1.15 -51.06 14.13
C35 POV G . -0.14 -50.66 13.43
C36 POV G . -0.60 -49.30 13.92
C37 POV G . -1.19 -48.52 12.75
C38 POV G . -2.48 -47.84 13.18
C39 POV G . -2.86 -46.77 12.17
C310 POV H . 4.73 -40.52 24.06
C311 POV H . 4.17 -39.10 24.11
C32 POV H . 1.90 -49.28 24.80
C33 POV H . 3.09 -48.38 25.14
C34 POV H . 2.60 -46.97 25.42
C35 POV H . 2.27 -46.28 24.10
C36 POV H . 3.37 -45.26 23.78
C37 POV H . 2.97 -43.91 24.35
C38 POV H . 4.14 -42.94 24.21
C39 POV H . 3.61 -41.51 24.38
C310 POV I . -2.75 -20.16 21.04
C311 POV I . -3.25 -21.60 21.13
C312 POV I . -2.13 -22.48 21.65
C313 POV I . -2.57 -23.95 21.60
C314 POV I . -1.72 -24.76 22.57
C315 POV I . -2.15 -26.23 22.50
C32 POV I . -3.61 -11.80 20.30
C33 POV I . -2.45 -12.39 21.09
C34 POV I . -3.00 -13.24 22.24
C35 POV I . -3.89 -14.36 21.67
C36 POV I . -3.79 -15.59 22.56
C37 POV I . -4.36 -16.80 21.83
C38 POV I . -3.43 -18.00 22.02
C39 POV I . -3.91 -19.19 21.19
C310 POV J . 4.20 -29.80 23.19
C311 POV J . 5.11 -30.52 22.19
C312 POV J . 4.28 -31.45 21.31
C32 POV J . 1.29 -20.73 25.44
C33 POV J . 2.49 -21.67 25.42
C34 POV J . 2.06 -23.04 24.93
C35 POV J . 3.30 -23.88 24.62
C36 POV J . 2.96 -25.37 24.74
C37 POV J . 4.14 -26.19 24.22
C38 POV J . 3.86 -27.68 24.45
C39 POV J . 4.85 -28.51 23.64
C210 POV K . 0.40 -51.92 7.68
C211 POV K . 0.10 -50.83 6.65
C212 POV K . -1.40 -50.59 6.58
C213 POV K . -1.66 -49.12 6.28
C214 POV K . -2.22 -48.43 7.52
C215 POV K . -3.74 -48.37 7.42
C216 POV K . -4.14 -47.59 6.18
C22 POV K . 3.58 -61.05 9.35
C23 POV K . 3.31 -59.95 8.32
C24 POV K . 2.92 -58.66 9.04
C25 POV K . 2.91 -57.51 8.04
C26 POV K . 2.46 -56.23 8.76
C27 POV K . 2.29 -55.11 7.75
C28 POV K . 1.60 -53.92 8.44
C29 POV K . 1.31 -52.85 7.41
C10 ZRH L . 27.83 -26.24 16.48
C11 ZRH L . 27.03 -26.71 17.50
C18 ZRH L . 18.17 -26.86 17.38
C20 ZRH L . 17.33 -24.62 16.99
C02 ZRH L . 21.56 -23.83 15.68
C03 ZRH L . 23.04 -23.83 15.30
C04 ZRH L . 23.27 -23.03 14.04
C05 ZRH L . 23.88 -23.30 16.46
C07 ZRH L . 25.41 -25.00 17.02
C08 ZRH L . 26.22 -24.53 16.00
C09 ZRH L . 27.43 -25.15 15.72
C12 ZRH L . 25.81 -26.09 17.77
C15 ZRH L . 20.72 -27.11 16.80
C17 ZRH L . 19.45 -26.46 16.94
C19 ZRH L . 17.12 -25.94 17.41
C22 ZRH L . 18.59 -24.23 16.55
C23 ZRH L . 19.65 -25.16 16.54
F21 ZRH L . 16.30 -23.73 17.01
N13 ZRH L . 20.95 -25.05 16.18
N14 ZRH L . 21.58 -26.22 16.33
N16 ZRH L . 21.02 -28.49 17.11
O01 ZRH L . 20.92 -22.85 15.57
O06 ZRH L . 24.18 -24.38 17.30
#